data_1E8H
#
_entry.id   1E8H
#
_cell.length_a   130.340
_cell.length_b   130.340
_cell.length_c   134.000
_cell.angle_alpha   90.00
_cell.angle_beta   90.00
_cell.angle_gamma   90.00
#
_symmetry.space_group_name_H-M   'I 4'
#
loop_
_entity.id
_entity.type
_entity.pdbx_description
1 polymer 'VANILLYL-ALCOHOL OXIDASE'
2 non-polymer "ADENOSINE-5'-DIPHOSPHATE"
3 water water
#
_entity_poly.entity_id   1
_entity_poly.type   'polypeptide(L)'
_entity_poly.pdbx_seq_one_letter_code
;MSKTQEFRPLTLPPKLSLSDFNEFIQDIIRIVGSENVEVISSKDQIVDGSYMKPTHTHDPTHVMDQDYFLASAIVAPRNV
ADVQSIVGLANKFSFPLWPISIGRNSGYGGAAPRVSGSVVLDMGKNMNRVLEVNVEGAYCVVEPGVTYHDLHNYLEANNL
RDKLWLDVPDLGGGSVLGNAVERGVGYTPYGDHWMMHSGMEVVLANGELLRTGMGALPDPKRPETMGLKPEDQPWSKIAH
LFPYGFGPYIDGLFSQSNMGIVTKIGIWLMPNPGGYQSYLITLPKDGDLKQAVDIIRPLRLGMALQNVPTIRHILLDAAV
LGDKRSYSSRTEPLSDEELDKIAKQLNLGRWNFYGALYGPEPIRRVLWETIKDAFSAIPGVKFYFPEDTPENSVLRVRDK
TMQGIPTYDELKWIDWLPNGAHLFFSPIAKVSGEDAMMQYAVTKKRCQEAGLDFIGTFTVGMREMHHIVCIVFNKKDLIQ
KRKVQWLMRTLIDDCAANGWGEYRTHLAFMDQIMETYNWNNSSFLRFNEVLKNAVDPNGIIAPGKSGVWPSQYSHVTWKL
;
_entity_poly.pdbx_strand_id   A,B
#
loop_
_chem_comp.id
_chem_comp.type
_chem_comp.name
_chem_comp.formula
ADP non-polymer ADENOSINE-5'-DIPHOSPHATE 'C10 H15 N5 O10 P2'
#
# COMPACT_ATOMS: atom_id res chain seq x y z
N GLU A 6 -24.65 -31.77 -15.92
CA GLU A 6 -26.12 -31.51 -15.85
C GLU A 6 -26.63 -30.62 -16.99
N PHE A 7 -27.88 -30.84 -17.39
CA PHE A 7 -28.57 -30.28 -18.47
C PHE A 7 -29.28 -29.00 -18.68
N ARG A 8 -30.09 -28.46 -17.79
CA ARG A 8 -30.84 -27.24 -18.09
C ARG A 8 -30.92 -26.25 -16.93
N PRO A 9 -30.10 -25.21 -16.99
CA PRO A 9 -30.05 -24.18 -15.98
C PRO A 9 -31.23 -23.21 -16.08
N LEU A 10 -31.54 -22.51 -14.99
CA LEU A 10 -32.62 -21.53 -15.00
C LEU A 10 -32.24 -20.35 -15.90
N THR A 11 -30.98 -19.96 -15.82
CA THR A 11 -30.37 -18.86 -16.54
C THR A 11 -28.99 -19.22 -17.09
N LEU A 12 -28.83 -18.88 -18.37
CA LEU A 12 -27.61 -19.08 -19.12
C LEU A 12 -26.88 -17.73 -19.31
N PRO A 13 -25.56 -17.80 -19.24
CA PRO A 13 -24.72 -16.64 -19.47
C PRO A 13 -25.06 -15.99 -20.79
N PRO A 14 -24.77 -14.71 -20.96
CA PRO A 14 -25.04 -13.98 -22.19
C PRO A 14 -24.54 -14.66 -23.45
N LYS A 15 -25.32 -14.66 -24.52
CA LYS A 15 -25.05 -15.25 -25.80
C LYS A 15 -24.73 -16.72 -25.93
N LEU A 16 -24.69 -17.47 -24.86
CA LEU A 16 -24.39 -18.90 -24.87
C LEU A 16 -25.58 -19.83 -25.03
N SER A 17 -25.43 -20.78 -25.97
CA SER A 17 -26.50 -21.74 -26.19
C SER A 17 -26.46 -22.77 -25.05
N LEU A 18 -27.54 -23.55 -25.03
CA LEU A 18 -27.77 -24.63 -24.10
C LEU A 18 -26.87 -25.82 -24.39
N SER A 19 -26.45 -25.87 -25.65
CA SER A 19 -25.59 -26.94 -26.13
C SER A 19 -24.16 -26.60 -25.73
N ASP A 20 -23.80 -25.34 -25.95
CA ASP A 20 -22.48 -24.89 -25.49
C ASP A 20 -22.37 -25.14 -23.98
N PHE A 21 -23.31 -24.61 -23.21
CA PHE A 21 -23.38 -24.80 -21.78
C PHE A 21 -23.21 -26.25 -21.34
N ASN A 22 -23.91 -27.19 -21.97
CA ASN A 22 -23.77 -28.61 -21.60
C ASN A 22 -22.38 -29.15 -21.92
N GLU A 23 -21.81 -28.68 -23.02
CA GLU A 23 -20.49 -29.11 -23.43
C GLU A 23 -19.42 -28.72 -22.41
N PHE A 24 -19.49 -27.48 -21.95
CA PHE A 24 -18.61 -26.90 -20.95
C PHE A 24 -18.69 -27.67 -19.65
N ILE A 25 -19.91 -27.76 -19.13
CA ILE A 25 -20.18 -28.46 -17.88
C ILE A 25 -19.68 -29.89 -17.94
N GLN A 26 -19.87 -30.64 -19.03
CA GLN A 26 -19.27 -31.99 -19.02
C GLN A 26 -17.75 -31.92 -18.95
N ASP A 27 -17.12 -30.95 -19.59
CA ASP A 27 -15.69 -30.73 -19.53
C ASP A 27 -15.19 -30.45 -18.12
N ILE A 28 -15.90 -29.61 -17.37
CA ILE A 28 -15.54 -29.25 -16.01
C ILE A 28 -15.78 -30.40 -15.05
N ILE A 29 -16.87 -31.13 -15.33
CA ILE A 29 -17.22 -32.31 -14.55
C ILE A 29 -16.11 -33.34 -14.73
N ARG A 30 -15.63 -33.53 -15.95
CA ARG A 30 -14.52 -34.43 -16.25
C ARG A 30 -13.20 -33.97 -15.61
N ILE A 31 -13.04 -32.69 -15.30
CA ILE A 31 -11.84 -32.23 -14.65
C ILE A 31 -11.92 -32.32 -13.12
N VAL A 32 -12.93 -31.76 -12.48
CA VAL A 32 -13.00 -31.74 -11.03
C VAL A 32 -13.92 -32.76 -10.36
N GLY A 33 -14.64 -33.56 -11.13
CA GLY A 33 -15.56 -34.54 -10.61
C GLY A 33 -16.92 -33.93 -10.36
N SER A 34 -17.97 -34.70 -10.57
CA SER A 34 -19.36 -34.29 -10.47
C SER A 34 -19.74 -33.72 -9.11
N GLU A 35 -19.03 -34.11 -8.08
CA GLU A 35 -19.25 -33.70 -6.71
C GLU A 35 -18.83 -32.29 -6.41
N ASN A 36 -18.14 -31.68 -7.35
CA ASN A 36 -17.63 -30.33 -7.28
C ASN A 36 -18.26 -29.46 -8.36
N VAL A 37 -19.37 -29.83 -9.01
CA VAL A 37 -19.88 -28.93 -10.04
C VAL A 37 -21.34 -28.66 -9.91
N GLU A 38 -22.08 -27.86 -9.18
CA GLU A 38 -23.53 -27.95 -9.14
C GLU A 38 -24.25 -27.09 -10.15
N VAL A 39 -25.23 -27.58 -10.87
CA VAL A 39 -25.98 -26.82 -11.85
C VAL A 39 -27.28 -26.33 -11.19
N ILE A 40 -27.66 -25.07 -11.37
CA ILE A 40 -28.88 -24.58 -10.75
C ILE A 40 -30.04 -24.65 -11.73
N SER A 41 -30.91 -25.63 -11.54
CA SER A 41 -32.07 -25.89 -12.40
C SER A 41 -33.41 -25.39 -11.89
N MET A 52 -23.50 -20.04 8.57
CA MET A 52 -23.22 -21.46 8.75
C MET A 52 -22.98 -22.13 7.39
N LYS A 53 -24.07 -22.31 6.65
CA LYS A 53 -24.08 -22.88 5.31
C LYS A 53 -24.57 -21.76 4.38
N PRO A 54 -23.64 -20.94 3.90
CA PRO A 54 -23.95 -19.85 3.00
C PRO A 54 -24.37 -20.33 1.62
N THR A 55 -25.33 -19.66 1.00
CA THR A 55 -25.76 -20.05 -0.34
C THR A 55 -24.72 -19.51 -1.33
N HIS A 56 -24.56 -20.17 -2.46
CA HIS A 56 -23.54 -19.75 -3.43
C HIS A 56 -24.18 -19.49 -4.80
N THR A 57 -25.51 -19.63 -4.82
CA THR A 57 -26.28 -19.52 -6.04
C THR A 57 -27.02 -18.21 -6.25
N HIS A 58 -27.34 -17.47 -5.17
CA HIS A 58 -28.10 -16.24 -5.33
C HIS A 58 -27.89 -15.22 -4.23
N ASP A 59 -28.30 -13.98 -4.48
CA ASP A 59 -28.20 -12.93 -3.46
C ASP A 59 -29.18 -13.27 -2.32
N PRO A 60 -28.66 -13.49 -1.12
CA PRO A 60 -29.44 -13.93 0.01
C PRO A 60 -30.18 -12.82 0.73
N THR A 61 -29.57 -11.66 0.64
CA THR A 61 -30.09 -10.44 1.30
C THR A 61 -30.85 -9.79 0.17
N HIS A 62 -31.89 -10.52 -0.28
CA HIS A 62 -32.67 -10.12 -1.43
C HIS A 62 -33.01 -8.63 -1.22
N VAL A 63 -32.79 -7.85 -2.25
CA VAL A 63 -33.06 -6.42 -2.18
C VAL A 63 -33.77 -6.18 -3.53
N MET A 64 -33.06 -6.66 -4.54
CA MET A 64 -33.50 -6.56 -5.92
C MET A 64 -34.38 -7.78 -6.13
N ASP A 65 -34.75 -7.99 -7.38
CA ASP A 65 -35.64 -9.14 -7.63
C ASP A 65 -34.96 -10.19 -8.48
N GLN A 66 -35.72 -11.23 -8.79
CA GLN A 66 -35.41 -12.38 -9.60
C GLN A 66 -34.89 -12.07 -10.99
N ASP A 67 -33.95 -12.95 -11.37
CA ASP A 67 -33.26 -12.87 -12.66
C ASP A 67 -31.95 -12.14 -12.43
N TYR A 68 -31.88 -11.40 -11.33
CA TYR A 68 -30.70 -10.64 -10.96
C TYR A 68 -29.84 -11.52 -10.06
N PHE A 69 -28.55 -11.46 -10.31
CA PHE A 69 -27.49 -12.08 -9.54
C PHE A 69 -27.69 -13.56 -9.28
N LEU A 70 -28.14 -14.25 -10.33
CA LEU A 70 -28.36 -15.69 -10.14
C LEU A 70 -27.38 -16.53 -10.94
N ALA A 71 -26.60 -17.37 -10.28
CA ALA A 71 -25.60 -18.20 -10.94
C ALA A 71 -26.23 -19.21 -11.88
N SER A 72 -25.45 -19.81 -12.78
CA SER A 72 -25.95 -20.92 -13.58
C SER A 72 -25.43 -22.24 -12.98
N ALA A 73 -24.22 -22.17 -12.41
CA ALA A 73 -23.60 -23.31 -11.76
C ALA A 73 -22.53 -22.89 -10.75
N ILE A 74 -22.24 -23.77 -9.78
CA ILE A 74 -21.18 -23.46 -8.80
C ILE A 74 -20.04 -24.41 -9.17
N VAL A 75 -18.80 -23.97 -9.22
CA VAL A 75 -17.74 -24.93 -9.58
C VAL A 75 -16.64 -24.83 -8.53
N ALA A 76 -16.26 -25.96 -7.96
CA ALA A 76 -15.23 -25.94 -6.93
C ALA A 76 -13.94 -26.64 -7.33
N PRO A 77 -12.98 -25.85 -7.79
CA PRO A 77 -11.69 -26.38 -8.21
C PRO A 77 -11.09 -27.22 -7.08
N ARG A 78 -10.31 -28.22 -7.46
CA ARG A 78 -9.64 -29.07 -6.47
C ARG A 78 -8.35 -28.36 -6.10
N ASN A 79 -7.81 -27.58 -7.04
CA ASN A 79 -6.53 -26.90 -6.86
C ASN A 79 -6.25 -25.84 -7.91
N VAL A 80 -5.02 -25.31 -7.92
CA VAL A 80 -4.67 -24.26 -8.87
C VAL A 80 -4.76 -24.75 -10.30
N ALA A 81 -4.24 -25.91 -10.67
CA ALA A 81 -4.38 -26.42 -12.02
C ALA A 81 -5.83 -26.39 -12.49
N ASP A 82 -6.74 -26.79 -11.59
CA ASP A 82 -8.15 -26.80 -11.91
C ASP A 82 -8.65 -25.39 -12.19
N VAL A 83 -8.20 -24.36 -11.51
CA VAL A 83 -8.62 -23.00 -11.83
C VAL A 83 -8.10 -22.63 -13.20
N GLN A 84 -6.87 -22.99 -13.55
CA GLN A 84 -6.29 -22.78 -14.86
C GLN A 84 -7.07 -23.43 -15.99
N SER A 85 -7.49 -24.67 -15.78
CA SER A 85 -8.26 -25.36 -16.82
C SER A 85 -9.62 -24.69 -16.91
N ILE A 86 -10.25 -24.33 -15.78
CA ILE A 86 -11.54 -23.66 -15.88
C ILE A 86 -11.45 -22.32 -16.57
N VAL A 87 -10.36 -21.58 -16.46
CA VAL A 87 -10.16 -20.31 -17.13
C VAL A 87 -10.02 -20.55 -18.62
N GLY A 88 -9.38 -21.63 -18.96
CA GLY A 88 -9.13 -22.02 -20.35
C GLY A 88 -10.45 -22.21 -21.06
N LEU A 89 -11.32 -22.99 -20.40
CA LEU A 89 -12.66 -23.25 -20.93
C LEU A 89 -13.52 -22.01 -20.84
N ALA A 90 -13.34 -21.09 -19.90
CA ALA A 90 -14.18 -19.89 -20.01
C ALA A 90 -13.72 -19.12 -21.25
N ASN A 91 -12.45 -19.10 -21.61
CA ASN A 91 -12.02 -18.31 -22.75
C ASN A 91 -12.42 -19.00 -24.04
N LYS A 92 -12.43 -20.33 -24.03
CA LYS A 92 -12.88 -21.05 -25.21
C LYS A 92 -14.34 -20.67 -25.40
N PHE A 93 -15.22 -20.98 -24.47
CA PHE A 93 -16.64 -20.72 -24.61
C PHE A 93 -17.11 -19.31 -24.31
N SER A 94 -16.24 -18.41 -23.84
CA SER A 94 -16.81 -17.12 -23.49
C SER A 94 -17.81 -17.22 -22.34
N PHE A 95 -17.47 -17.89 -21.25
CA PHE A 95 -18.38 -18.01 -20.10
C PHE A 95 -17.84 -17.13 -18.97
N PRO A 96 -18.64 -16.28 -18.38
CA PRO A 96 -18.23 -15.45 -17.27
C PRO A 96 -18.09 -16.25 -15.98
N LEU A 97 -16.97 -16.03 -15.30
CA LEU A 97 -16.73 -16.62 -13.99
C LEU A 97 -16.88 -15.60 -12.88
N TRP A 98 -17.33 -16.00 -11.72
CA TRP A 98 -17.44 -15.11 -10.54
C TRP A 98 -16.72 -15.82 -9.40
N PRO A 99 -15.47 -15.47 -9.14
CA PRO A 99 -14.67 -16.12 -8.11
C PRO A 99 -14.93 -15.72 -6.67
N ILE A 100 -15.33 -16.64 -5.79
CA ILE A 100 -15.49 -16.36 -4.37
C ILE A 100 -14.53 -17.21 -3.52
N SER A 101 -14.28 -16.79 -2.28
CA SER A 101 -13.52 -17.52 -1.30
C SER A 101 -14.46 -18.22 -0.33
N ILE A 102 -15.31 -17.45 0.36
CA ILE A 102 -16.24 -18.00 1.34
C ILE A 102 -17.69 -17.67 1.04
N GLY A 103 -18.07 -16.43 0.80
CA GLY A 103 -19.41 -16.04 0.42
C GLY A 103 -20.38 -15.77 1.55
N ARG A 104 -19.77 -15.52 2.72
CA ARG A 104 -20.53 -15.27 3.93
C ARG A 104 -21.00 -13.85 4.09
N ASN A 105 -20.51 -12.88 3.29
CA ASN A 105 -20.95 -11.51 3.59
C ASN A 105 -22.23 -11.01 2.94
N SER A 106 -23.35 -11.58 3.37
CA SER A 106 -24.68 -11.12 2.96
C SER A 106 -24.66 -9.63 3.28
N GLY A 107 -25.21 -8.73 2.48
CA GLY A 107 -25.02 -7.31 2.93
C GLY A 107 -24.10 -6.62 1.92
N TYR A 108 -23.36 -7.47 1.21
CA TYR A 108 -22.50 -7.06 0.13
C TYR A 108 -22.89 -7.99 -1.03
N GLY A 109 -23.88 -8.83 -0.71
CA GLY A 109 -24.43 -9.75 -1.69
C GLY A 109 -23.88 -11.16 -1.64
N GLY A 110 -23.24 -11.56 -0.54
CA GLY A 110 -22.71 -12.90 -0.41
C GLY A 110 -21.99 -13.31 -1.68
N ALA A 111 -22.12 -14.57 -2.08
CA ALA A 111 -21.40 -15.04 -3.26
C ALA A 111 -22.11 -14.79 -4.59
N ALA A 112 -23.30 -14.20 -4.62
CA ALA A 112 -23.98 -13.99 -5.90
C ALA A 112 -23.09 -13.27 -6.92
N PRO A 113 -23.20 -13.68 -8.17
CA PRO A 113 -22.48 -13.04 -9.25
C PRO A 113 -23.14 -11.78 -9.72
N ARG A 114 -22.41 -10.76 -10.14
CA ARG A 114 -23.01 -9.54 -10.65
C ARG A 114 -23.83 -9.79 -11.91
N VAL A 115 -23.41 -10.69 -12.83
CA VAL A 115 -24.21 -11.00 -14.00
C VAL A 115 -24.83 -12.41 -13.91
N SER A 116 -26.13 -12.51 -14.25
CA SER A 116 -26.72 -13.87 -14.20
C SER A 116 -26.16 -14.80 -15.26
N GLY A 117 -26.13 -16.09 -14.97
CA GLY A 117 -25.63 -17.11 -15.89
C GLY A 117 -24.18 -17.43 -15.56
N SER A 118 -23.52 -16.61 -14.73
CA SER A 118 -22.16 -16.85 -14.35
C SER A 118 -22.07 -18.20 -13.63
N VAL A 119 -20.84 -18.71 -13.71
CA VAL A 119 -20.45 -19.90 -12.95
C VAL A 119 -19.81 -19.31 -11.68
N VAL A 120 -20.33 -19.53 -10.49
CA VAL A 120 -19.66 -19.06 -9.28
C VAL A 120 -18.48 -20.03 -9.09
N LEU A 121 -17.30 -19.51 -8.89
CA LEU A 121 -16.09 -20.35 -8.68
C LEU A 121 -15.86 -20.42 -7.17
N ASP A 122 -16.28 -21.51 -6.54
CA ASP A 122 -16.12 -21.62 -5.08
C ASP A 122 -14.68 -22.01 -4.81
N MET A 123 -13.77 -21.11 -4.50
CA MET A 123 -12.36 -21.42 -4.24
C MET A 123 -12.12 -21.95 -2.84
N GLY A 124 -12.92 -21.61 -1.83
CA GLY A 124 -12.72 -22.16 -0.52
C GLY A 124 -13.05 -23.60 -0.24
N LYS A 125 -13.95 -24.22 -0.98
CA LYS A 125 -14.37 -25.59 -0.68
C LYS A 125 -13.13 -26.47 -0.69
N ASN A 126 -12.31 -26.50 -1.73
CA ASN A 126 -11.14 -27.37 -1.70
C ASN A 126 -9.82 -26.68 -1.45
N MET A 127 -9.61 -25.41 -1.81
CA MET A 127 -8.31 -24.75 -1.62
C MET A 127 -8.40 -23.96 -0.32
N ASN A 128 -8.28 -24.66 0.76
CA ASN A 128 -8.38 -24.57 2.17
C ASN A 128 -7.16 -24.47 3.07
N ARG A 129 -5.97 -24.74 2.56
CA ARG A 129 -4.81 -24.86 3.39
C ARG A 129 -4.10 -23.66 3.97
N VAL A 130 -3.77 -23.86 5.25
CA VAL A 130 -2.87 -22.92 5.93
C VAL A 130 -1.51 -23.33 5.35
N LEU A 131 -0.95 -22.54 4.43
CA LEU A 131 0.26 -23.00 3.79
C LEU A 131 1.53 -22.88 4.60
N GLU A 132 1.62 -21.83 5.42
CA GLU A 132 2.84 -21.63 6.20
C GLU A 132 2.65 -20.61 7.30
N VAL A 133 3.05 -20.93 8.51
CA VAL A 133 3.03 -19.95 9.58
C VAL A 133 4.51 -19.85 9.96
N ASN A 134 5.15 -18.74 9.62
CA ASN A 134 6.53 -18.44 9.92
C ASN A 134 6.66 -17.47 11.11
N VAL A 135 7.30 -17.96 12.17
CA VAL A 135 7.51 -17.18 13.39
C VAL A 135 8.55 -16.08 13.33
N GLU A 136 9.78 -16.29 12.90
CA GLU A 136 10.76 -15.20 12.92
C GLU A 136 10.32 -14.09 12.00
N GLY A 137 9.58 -14.41 10.93
CA GLY A 137 9.09 -13.41 10.00
C GLY A 137 7.73 -12.84 10.35
N ALA A 138 6.99 -13.60 11.15
CA ALA A 138 5.74 -13.08 11.70
C ALA A 138 4.70 -12.73 10.63
N TYR A 139 4.43 -13.78 9.86
CA TYR A 139 3.54 -13.87 8.75
C TYR A 139 2.95 -15.27 8.61
N CYS A 140 1.83 -15.35 7.89
CA CYS A 140 1.25 -16.64 7.51
C CYS A 140 0.98 -16.54 6.00
N VAL A 141 0.72 -17.68 5.36
CA VAL A 141 0.50 -17.83 3.94
C VAL A 141 -0.71 -18.77 3.83
N VAL A 142 -1.70 -18.29 3.10
CA VAL A 142 -3.03 -18.84 3.04
C VAL A 142 -3.73 -18.92 1.70
N GLU A 143 -4.66 -19.86 1.60
CA GLU A 143 -5.51 -20.17 0.48
C GLU A 143 -6.92 -19.61 0.75
N PRO A 144 -7.74 -19.36 -0.26
CA PRO A 144 -9.04 -18.72 -0.16
C PRO A 144 -9.92 -19.24 0.97
N GLY A 145 -9.89 -20.53 1.22
CA GLY A 145 -10.64 -21.30 2.16
C GLY A 145 -10.33 -21.19 3.63
N VAL A 146 -9.12 -20.77 3.97
CA VAL A 146 -8.83 -20.60 5.41
C VAL A 146 -9.71 -19.48 5.99
N THR A 147 -10.68 -19.84 6.81
CA THR A 147 -11.44 -18.80 7.48
C THR A 147 -10.62 -18.37 8.71
N TYR A 148 -11.07 -17.28 9.32
CA TYR A 148 -10.43 -16.79 10.55
C TYR A 148 -10.49 -17.83 11.67
N HIS A 149 -11.60 -18.56 11.79
CA HIS A 149 -11.74 -19.63 12.76
C HIS A 149 -10.65 -20.69 12.53
N ASP A 150 -10.55 -21.12 11.28
CA ASP A 150 -9.54 -22.03 10.80
C ASP A 150 -8.13 -21.55 11.09
N LEU A 151 -7.73 -20.35 10.78
CA LEU A 151 -6.37 -19.90 11.09
C LEU A 151 -6.17 -19.89 12.61
N HIS A 152 -7.24 -19.60 13.36
CA HIS A 152 -7.20 -19.58 14.83
C HIS A 152 -6.86 -20.98 15.35
N ASN A 153 -7.64 -21.98 14.96
CA ASN A 153 -7.41 -23.36 15.35
C ASN A 153 -6.05 -23.88 14.87
N TYR A 154 -5.62 -23.38 13.70
CA TYR A 154 -4.32 -23.77 13.21
C TYR A 154 -3.28 -23.35 14.25
N LEU A 155 -3.36 -22.12 14.73
CA LEU A 155 -2.39 -21.65 15.70
C LEU A 155 -2.43 -22.41 17.03
N GLU A 156 -3.63 -22.66 17.55
CA GLU A 156 -3.77 -23.35 18.81
C GLU A 156 -3.22 -24.76 18.76
N ALA A 157 -3.39 -25.47 17.66
CA ALA A 157 -2.89 -26.84 17.56
C ALA A 157 -1.39 -26.90 17.38
N ASN A 158 -0.68 -25.81 17.12
CA ASN A 158 0.77 -25.91 16.97
C ASN A 158 1.47 -25.07 18.01
N ASN A 159 0.82 -24.71 19.11
CA ASN A 159 1.40 -23.89 20.16
C ASN A 159 1.68 -22.43 19.88
N LEU A 160 1.33 -21.89 18.72
CA LEU A 160 1.63 -20.53 18.32
C LEU A 160 0.77 -19.45 18.93
N ARG A 161 -0.27 -19.79 19.67
CA ARG A 161 -1.16 -18.88 20.35
C ARG A 161 -0.46 -17.86 21.23
N ASP A 162 0.66 -18.16 21.88
CA ASP A 162 1.33 -17.19 22.76
C ASP A 162 2.57 -16.61 22.10
N LYS A 163 2.65 -16.71 20.77
CA LYS A 163 3.72 -16.11 19.99
C LYS A 163 3.18 -15.17 18.91
N LEU A 164 2.11 -15.57 18.23
CA LEU A 164 1.55 -14.78 17.14
C LEU A 164 0.04 -14.55 17.28
N TRP A 165 -0.46 -13.35 17.05
CA TRP A 165 -1.90 -13.15 17.20
C TRP A 165 -2.55 -12.86 15.85
N LEU A 166 -3.85 -13.13 15.70
CA LEU A 166 -4.55 -12.76 14.46
C LEU A 166 -5.13 -11.34 14.51
N ASP A 167 -5.89 -10.99 13.48
CA ASP A 167 -6.62 -9.74 13.41
C ASP A 167 -7.97 -10.09 12.78
N VAL A 168 -9.09 -10.04 13.47
CA VAL A 168 -10.37 -10.49 12.97
C VAL A 168 -11.44 -9.44 12.80
N PRO A 169 -12.27 -9.62 11.77
CA PRO A 169 -13.34 -8.65 11.49
C PRO A 169 -14.42 -9.02 12.47
N ASP A 170 -15.48 -8.25 12.65
CA ASP A 170 -16.52 -8.55 13.62
C ASP A 170 -16.99 -9.99 13.59
N LEU A 171 -17.08 -10.71 12.50
CA LEU A 171 -17.42 -12.13 12.48
C LEU A 171 -16.22 -12.94 11.96
N GLY A 172 -15.93 -14.05 12.64
CA GLY A 172 -14.84 -14.94 12.37
C GLY A 172 -14.93 -15.93 11.25
N GLY A 173 -16.09 -16.15 10.63
CA GLY A 173 -16.23 -17.11 9.55
C GLY A 173 -15.84 -16.61 8.17
N GLY A 174 -15.45 -15.35 8.00
CA GLY A 174 -15.08 -14.87 6.67
C GLY A 174 -13.73 -15.48 6.32
N SER A 175 -13.24 -15.24 5.13
CA SER A 175 -11.96 -15.66 4.63
C SER A 175 -10.88 -14.60 4.82
N VAL A 176 -9.74 -15.05 5.34
CA VAL A 176 -8.59 -14.23 5.58
C VAL A 176 -8.11 -13.54 4.31
N LEU A 177 -7.90 -14.31 3.23
CA LEU A 177 -7.52 -13.68 1.97
C LEU A 177 -8.71 -12.91 1.39
N GLY A 178 -9.88 -13.52 1.38
CA GLY A 178 -11.06 -12.84 0.84
C GLY A 178 -11.25 -11.45 1.45
N ASN A 179 -11.26 -11.42 2.79
CA ASN A 179 -11.39 -10.16 3.51
C ASN A 179 -10.30 -9.19 3.12
N ALA A 180 -9.06 -9.65 3.04
CA ALA A 180 -7.93 -8.78 2.68
C ALA A 180 -7.92 -8.28 1.23
N VAL A 181 -8.37 -8.99 0.22
CA VAL A 181 -8.34 -8.41 -1.13
C VAL A 181 -9.46 -7.41 -1.26
N GLU A 182 -10.59 -7.61 -0.58
CA GLU A 182 -11.69 -6.66 -0.49
C GLU A 182 -11.44 -5.48 0.44
N ARG A 183 -10.26 -5.48 1.05
CA ARG A 183 -9.81 -4.38 1.89
C ARG A 183 -10.56 -4.17 3.21
N GLY A 184 -10.98 -5.22 3.89
CA GLY A 184 -11.67 -5.13 5.17
C GLY A 184 -10.84 -4.59 6.31
N VAL A 185 -11.47 -4.33 7.45
CA VAL A 185 -10.82 -3.80 8.62
C VAL A 185 -11.08 -4.60 9.89
N GLY A 186 -9.99 -4.70 10.65
CA GLY A 186 -10.03 -5.40 11.93
C GLY A 186 -9.79 -4.46 13.10
N TYR A 187 -9.83 -4.98 14.33
CA TYR A 187 -9.76 -4.17 15.53
C TYR A 187 -8.54 -4.31 16.43
N THR A 188 -7.36 -4.55 15.87
CA THR A 188 -6.09 -4.66 16.59
C THR A 188 -5.16 -3.64 15.96
N PRO A 189 -3.89 -3.58 16.35
CA PRO A 189 -2.97 -2.66 15.66
C PRO A 189 -2.77 -3.04 14.20
N TYR A 190 -3.03 -4.24 13.72
CA TYR A 190 -2.86 -4.69 12.35
C TYR A 190 -4.22 -4.77 11.66
N GLY A 191 -5.13 -3.87 11.99
CA GLY A 191 -6.49 -3.71 11.59
C GLY A 191 -6.61 -3.47 10.09
N ASP A 192 -5.71 -2.78 9.41
CA ASP A 192 -5.88 -2.56 7.97
C ASP A 192 -5.39 -3.79 7.21
N HIS A 193 -6.25 -4.77 7.00
CA HIS A 193 -5.90 -6.04 6.39
C HIS A 193 -5.06 -6.03 5.12
N TRP A 194 -5.51 -5.24 4.16
CA TRP A 194 -4.88 -5.11 2.87
C TRP A 194 -3.46 -4.63 3.06
N MET A 195 -3.23 -3.70 3.98
CA MET A 195 -1.91 -3.15 4.23
C MET A 195 -0.98 -4.11 4.94
N MET A 196 -1.45 -5.29 5.34
CA MET A 196 -0.64 -6.29 5.96
C MET A 196 -0.32 -7.48 5.05
N HIS A 197 -0.63 -7.33 3.75
CA HIS A 197 -0.39 -8.43 2.85
C HIS A 197 1.04 -8.34 2.33
N SER A 198 1.54 -9.39 1.74
CA SER A 198 2.87 -9.35 1.11
C SER A 198 3.07 -10.63 0.31
N GLY A 199 2.97 -10.53 -1.00
CA GLY A 199 3.28 -11.70 -1.83
C GLY A 199 2.02 -12.52 -2.17
N MET A 200 1.30 -12.18 -3.24
CA MET A 200 0.12 -12.85 -3.67
C MET A 200 0.34 -13.61 -4.99
N GLU A 201 -0.28 -14.76 -5.09
CA GLU A 201 -0.37 -15.64 -6.22
C GLU A 201 -1.75 -15.49 -6.86
N VAL A 202 -1.67 -15.21 -8.17
CA VAL A 202 -2.85 -14.86 -8.95
C VAL A 202 -2.94 -15.71 -10.21
N VAL A 203 -4.15 -16.16 -10.56
CA VAL A 203 -4.35 -16.79 -11.87
C VAL A 203 -4.97 -15.67 -12.73
N LEU A 204 -4.28 -15.14 -13.70
CA LEU A 204 -4.85 -14.13 -14.58
C LEU A 204 -5.92 -14.61 -15.55
N ALA A 205 -6.62 -13.74 -16.27
CA ALA A 205 -7.64 -14.10 -17.25
C ALA A 205 -7.02 -14.85 -18.44
N ASN A 206 -5.72 -14.71 -18.72
CA ASN A 206 -5.13 -15.48 -19.83
C ASN A 206 -4.89 -16.90 -19.33
N GLY A 207 -4.91 -17.13 -18.02
CA GLY A 207 -4.71 -18.47 -17.48
C GLY A 207 -3.35 -18.58 -16.80
N GLU A 208 -2.46 -17.64 -17.07
CA GLU A 208 -1.15 -17.71 -16.45
C GLU A 208 -1.18 -17.29 -14.98
N LEU A 209 -0.29 -17.96 -14.27
CA LEU A 209 0.01 -17.79 -12.88
C LEU A 209 1.01 -16.64 -12.72
N LEU A 210 0.84 -15.87 -11.63
CA LEU A 210 1.63 -14.67 -11.39
C LEU A 210 1.78 -14.47 -9.87
N ARG A 211 2.96 -14.04 -9.41
CA ARG A 211 3.16 -13.92 -7.97
C ARG A 211 3.68 -12.45 -7.84
N THR A 212 3.11 -11.67 -6.91
CA THR A 212 3.55 -10.27 -6.85
C THR A 212 4.78 -10.03 -5.97
N GLY A 213 5.31 -8.82 -6.11
CA GLY A 213 6.42 -8.32 -5.30
C GLY A 213 7.58 -9.27 -5.24
N MET A 214 8.13 -9.62 -4.09
CA MET A 214 9.30 -10.51 -4.02
C MET A 214 8.93 -11.97 -4.27
N GLY A 215 7.64 -12.20 -4.57
CA GLY A 215 7.11 -13.48 -4.99
C GLY A 215 7.53 -13.74 -6.45
N ALA A 216 8.00 -12.73 -7.17
CA ALA A 216 8.44 -12.85 -8.53
C ALA A 216 9.90 -13.29 -8.61
N LEU A 217 10.64 -13.08 -7.55
CA LEU A 217 12.03 -13.47 -7.36
C LEU A 217 11.94 -14.92 -6.87
N PRO A 218 12.37 -15.83 -7.72
CA PRO A 218 12.16 -17.24 -7.42
C PRO A 218 13.07 -17.83 -6.35
N ASP A 219 12.57 -18.82 -5.61
CA ASP A 219 13.44 -19.55 -4.70
C ASP A 219 14.50 -20.23 -5.61
N PRO A 220 15.77 -20.11 -5.26
CA PRO A 220 16.90 -20.76 -5.90
C PRO A 220 16.75 -22.27 -5.99
N LYS A 221 17.29 -22.90 -7.04
CA LYS A 221 17.14 -24.31 -7.20
C LYS A 221 17.81 -25.10 -6.04
N ARG A 222 17.06 -26.19 -5.75
CA ARG A 222 17.61 -27.13 -4.80
C ARG A 222 17.02 -28.50 -5.09
N PRO A 223 17.79 -29.53 -4.78
CA PRO A 223 17.42 -30.92 -5.06
C PRO A 223 16.01 -31.25 -4.72
N GLU A 224 15.58 -30.89 -3.52
CA GLU A 224 14.29 -31.15 -2.91
C GLU A 224 13.10 -30.44 -3.56
N THR A 225 13.29 -29.33 -4.30
CA THR A 225 12.10 -28.67 -4.84
C THR A 225 12.05 -28.72 -6.37
N MET A 226 12.88 -29.59 -6.97
CA MET A 226 12.92 -29.75 -8.40
C MET A 226 11.64 -30.41 -8.92
N GLY A 227 11.19 -30.00 -10.11
CA GLY A 227 10.06 -30.61 -10.76
C GLY A 227 8.69 -30.27 -10.25
N LEU A 228 8.57 -29.44 -9.23
CA LEU A 228 7.25 -29.06 -8.75
C LEU A 228 6.58 -28.12 -9.75
N LYS A 229 5.28 -28.20 -9.88
CA LYS A 229 4.49 -27.28 -10.71
C LYS A 229 4.65 -25.90 -10.08
N PRO A 230 4.48 -24.84 -10.88
CA PRO A 230 4.66 -23.47 -10.43
C PRO A 230 3.93 -23.12 -9.17
N GLU A 231 2.67 -23.51 -9.19
CA GLU A 231 1.71 -23.38 -8.10
C GLU A 231 2.26 -23.93 -6.80
N ASP A 232 2.92 -25.10 -6.82
CA ASP A 232 3.43 -25.83 -5.68
C ASP A 232 4.87 -25.50 -5.29
N GLN A 233 5.50 -24.53 -5.94
CA GLN A 233 6.86 -24.17 -5.62
C GLN A 233 6.89 -23.32 -4.37
N PRO A 234 7.99 -23.37 -3.63
CA PRO A 234 8.13 -22.51 -2.47
C PRO A 234 8.36 -21.08 -2.98
N TRP A 235 8.41 -20.11 -2.07
CA TRP A 235 8.59 -18.70 -2.44
C TRP A 235 9.99 -18.22 -2.10
N SER A 236 10.66 -17.23 -2.68
CA SER A 236 11.93 -16.84 -2.13
C SER A 236 11.80 -16.29 -0.72
N LYS A 237 12.87 -16.05 0.01
CA LYS A 237 12.85 -15.67 1.42
C LYS A 237 12.20 -14.34 1.76
N ILE A 238 12.40 -13.27 0.98
CA ILE A 238 11.70 -12.02 1.28
C ILE A 238 10.28 -12.00 0.71
N ALA A 239 9.73 -13.01 0.02
CA ALA A 239 8.40 -13.03 -0.56
C ALA A 239 7.26 -12.38 0.25
N HIS A 240 7.22 -12.76 1.53
CA HIS A 240 6.28 -12.36 2.55
C HIS A 240 6.84 -11.41 3.57
N LEU A 241 7.91 -10.68 3.30
CA LEU A 241 8.49 -9.76 4.26
C LEU A 241 8.64 -8.37 3.69
N PHE A 242 8.66 -8.25 2.37
CA PHE A 242 8.75 -6.97 1.67
C PHE A 242 7.77 -7.04 0.50
N PRO A 243 6.70 -6.24 0.54
CA PRO A 243 5.66 -6.30 -0.48
C PRO A 243 5.95 -5.69 -1.83
N TYR A 244 6.86 -4.72 -1.84
CA TYR A 244 7.16 -4.06 -3.11
C TYR A 244 8.01 -4.78 -4.15
N GLY A 245 8.88 -5.75 -3.94
CA GLY A 245 9.66 -6.20 -5.10
C GLY A 245 10.32 -5.05 -5.87
N PHE A 246 10.43 -5.19 -7.21
CA PHE A 246 11.04 -4.14 -8.05
C PHE A 246 10.08 -3.68 -9.16
N GLY A 247 10.17 -2.42 -9.60
CA GLY A 247 9.30 -1.93 -10.67
C GLY A 247 7.88 -1.62 -10.23
N PRO A 248 6.91 -1.57 -11.14
CA PRO A 248 5.53 -1.34 -10.83
C PRO A 248 4.97 -2.22 -9.71
N TYR A 249 4.42 -1.55 -8.71
CA TYR A 249 3.74 -2.34 -7.65
C TYR A 249 2.29 -2.54 -8.03
N ILE A 250 1.90 -3.68 -8.57
CA ILE A 250 0.69 -4.01 -9.21
C ILE A 250 -0.34 -4.66 -8.30
N ASP A 251 0.18 -4.99 -7.10
CA ASP A 251 -0.72 -5.64 -6.13
C ASP A 251 -2.15 -5.13 -6.06
N GLY A 252 -2.37 -3.84 -5.91
CA GLY A 252 -3.63 -3.14 -5.83
C GLY A 252 -4.60 -3.35 -6.97
N LEU A 253 -4.10 -3.71 -8.17
CA LEU A 253 -4.94 -4.07 -9.27
C LEU A 253 -5.73 -5.32 -8.89
N PHE A 254 -5.30 -6.12 -7.91
CA PHE A 254 -6.14 -7.24 -7.55
C PHE A 254 -6.99 -6.92 -6.34
N SER A 255 -7.09 -5.74 -5.75
CA SER A 255 -8.04 -5.62 -4.63
C SER A 255 -9.35 -5.08 -5.21
N GLN A 256 -10.50 -5.55 -4.76
CA GLN A 256 -11.74 -4.95 -5.30
C GLN A 256 -11.78 -4.83 -6.82
N SER A 257 -11.30 -5.89 -7.49
CA SER A 257 -11.19 -5.77 -8.93
C SER A 257 -11.61 -7.06 -9.63
N ASN A 258 -11.59 -7.04 -10.96
CA ASN A 258 -11.94 -8.21 -11.75
C ASN A 258 -10.79 -8.59 -12.65
N MET A 259 -9.65 -8.04 -12.22
CA MET A 259 -8.36 -8.30 -12.85
C MET A 259 -7.79 -9.69 -12.70
N GLY A 260 -8.09 -10.57 -11.80
CA GLY A 260 -7.49 -11.93 -11.76
C GLY A 260 -8.18 -12.75 -10.64
N ILE A 261 -7.86 -13.99 -10.51
CA ILE A 261 -8.34 -14.89 -9.50
C ILE A 261 -7.28 -15.25 -8.44
N VAL A 262 -7.45 -14.68 -7.25
CA VAL A 262 -6.45 -14.81 -6.20
C VAL A 262 -6.43 -16.24 -5.67
N THR A 263 -5.23 -16.86 -5.72
CA THR A 263 -5.13 -18.21 -5.20
C THR A 263 -4.45 -18.29 -3.85
N LYS A 264 -3.50 -17.44 -3.54
CA LYS A 264 -2.73 -17.52 -2.31
C LYS A 264 -2.40 -16.12 -1.81
N ILE A 265 -2.16 -16.00 -0.50
CA ILE A 265 -1.76 -14.65 -0.05
C ILE A 265 -1.03 -14.77 1.28
N GLY A 266 -0.05 -13.86 1.43
CA GLY A 266 0.68 -13.88 2.70
C GLY A 266 0.19 -12.72 3.53
N ILE A 267 -0.19 -12.91 4.79
CA ILE A 267 -0.59 -11.79 5.65
C ILE A 267 0.33 -11.64 6.86
N TRP A 268 0.77 -10.47 7.23
CA TRP A 268 1.64 -10.27 8.39
C TRP A 268 0.95 -10.43 9.73
N LEU A 269 1.52 -11.24 10.62
CA LEU A 269 0.88 -11.49 11.92
C LEU A 269 1.56 -10.71 13.01
N MET A 270 0.79 -10.14 13.92
CA MET A 270 1.37 -9.31 14.99
C MET A 270 1.72 -10.18 16.21
N PRO A 271 3.00 -10.20 16.56
CA PRO A 271 3.39 -11.05 17.70
C PRO A 271 2.80 -10.54 19.01
N ASN A 272 2.66 -11.52 19.93
CA ASN A 272 2.16 -11.30 21.28
C ASN A 272 2.90 -10.09 21.86
N PRO A 273 2.10 -9.14 22.33
CA PRO A 273 2.64 -7.89 22.86
C PRO A 273 2.93 -7.91 24.35
N GLY A 274 2.65 -9.02 25.04
CA GLY A 274 3.03 -9.04 26.47
C GLY A 274 2.37 -7.87 27.22
N GLY A 275 1.03 -7.90 27.16
CA GLY A 275 0.21 -6.88 27.81
C GLY A 275 -1.05 -6.57 27.00
N TYR A 276 -2.22 -6.77 27.59
CA TYR A 276 -3.47 -6.50 26.90
C TYR A 276 -4.61 -6.13 27.84
N GLN A 277 -5.30 -5.04 27.51
CA GLN A 277 -6.45 -4.57 28.28
C GLN A 277 -7.44 -3.91 27.33
N SER A 278 -8.61 -4.52 27.24
CA SER A 278 -9.67 -3.98 26.40
C SER A 278 -10.56 -3.08 27.22
N TYR A 279 -11.28 -2.11 26.66
CA TYR A 279 -12.13 -1.24 27.46
C TYR A 279 -13.31 -0.65 26.71
N LEU A 280 -14.24 -0.09 27.49
CA LEU A 280 -15.46 0.54 27.02
C LEU A 280 -15.69 1.92 27.61
N ILE A 281 -15.93 2.93 26.81
CA ILE A 281 -16.22 4.28 27.23
C ILE A 281 -17.60 4.65 26.69
N THR A 282 -18.52 4.78 27.63
CA THR A 282 -19.91 5.09 27.30
C THR A 282 -20.07 6.60 27.28
N LEU A 283 -20.78 7.01 26.25
CA LEU A 283 -21.09 8.41 25.96
C LEU A 283 -22.58 8.56 26.19
N PRO A 284 -22.93 9.42 27.15
CA PRO A 284 -24.34 9.54 27.50
C PRO A 284 -25.31 9.97 26.43
N LYS A 285 -25.06 11.10 25.80
CA LYS A 285 -25.96 11.71 24.84
C LYS A 285 -25.72 11.51 23.35
N ASP A 286 -26.80 11.37 22.57
CA ASP A 286 -26.77 11.26 21.12
C ASP A 286 -25.81 12.29 20.52
N GLY A 287 -25.72 13.52 20.99
CA GLY A 287 -24.82 14.54 20.54
C GLY A 287 -23.41 14.51 21.08
N ASP A 288 -23.04 13.57 21.93
CA ASP A 288 -21.66 13.51 22.44
C ASP A 288 -20.69 12.98 21.39
N LEU A 289 -21.20 12.38 20.31
CA LEU A 289 -20.40 11.88 19.21
C LEU A 289 -19.45 12.96 18.71
N LYS A 290 -19.94 14.20 18.70
CA LYS A 290 -19.16 15.32 18.18
C LYS A 290 -17.93 15.64 18.98
N GLN A 291 -18.06 15.68 20.31
CA GLN A 291 -16.86 15.98 21.11
C GLN A 291 -15.99 14.72 21.18
N ALA A 292 -16.65 13.55 21.24
CA ALA A 292 -15.89 12.29 21.26
C ALA A 292 -15.00 12.18 20.03
N VAL A 293 -15.55 12.46 18.83
CA VAL A 293 -14.73 12.42 17.63
C VAL A 293 -13.63 13.48 17.62
N ASP A 294 -13.82 14.64 18.21
CA ASP A 294 -12.74 15.62 18.28
C ASP A 294 -11.63 15.21 19.26
N ILE A 295 -12.02 14.38 20.24
CA ILE A 295 -11.10 13.89 21.26
C ILE A 295 -10.28 12.77 20.63
N ILE A 296 -10.96 11.85 19.95
CA ILE A 296 -10.27 10.78 19.22
C ILE A 296 -9.23 11.20 18.19
N ARG A 297 -9.40 12.31 17.50
CA ARG A 297 -8.53 12.82 16.48
C ARG A 297 -7.07 12.94 16.81
N PRO A 298 -6.62 13.76 17.74
CA PRO A 298 -5.22 13.88 18.15
C PRO A 298 -4.59 12.63 18.73
N LEU A 299 -5.38 11.90 19.52
CA LEU A 299 -4.98 10.67 20.17
C LEU A 299 -4.69 9.58 19.13
N ARG A 300 -5.54 9.53 18.08
CA ARG A 300 -5.28 8.51 17.04
C ARG A 300 -4.01 8.90 16.28
N LEU A 301 -3.95 10.16 15.87
CA LEU A 301 -2.83 10.72 15.15
C LEU A 301 -1.56 10.73 15.95
N GLY A 302 -1.57 10.76 17.28
CA GLY A 302 -0.37 10.82 18.10
C GLY A 302 0.00 9.45 18.65
N MET A 303 -0.74 8.44 18.22
CA MET A 303 -0.48 7.06 18.56
C MET A 303 -0.82 6.61 19.96
N ALA A 304 -1.68 7.24 20.74
CA ALA A 304 -2.03 6.73 22.06
C ALA A 304 -3.08 5.62 21.89
N LEU A 305 -3.89 5.82 20.84
CA LEU A 305 -4.88 4.81 20.48
C LEU A 305 -4.19 3.78 19.57
N GLN A 306 -3.91 2.59 20.04
CA GLN A 306 -3.12 1.56 19.40
C GLN A 306 -3.80 0.76 18.30
N ASN A 307 -5.03 0.35 18.51
CA ASN A 307 -5.81 -0.44 17.58
C ASN A 307 -6.74 0.45 16.76
N VAL A 308 -7.66 -0.18 16.06
CA VAL A 308 -8.70 0.57 15.36
C VAL A 308 -9.84 0.59 16.40
N PRO A 309 -10.03 1.71 17.06
CA PRO A 309 -11.10 1.82 18.04
C PRO A 309 -12.47 1.95 17.37
N THR A 310 -13.54 1.43 17.99
CA THR A 310 -14.83 1.62 17.41
C THR A 310 -15.82 2.49 18.20
N ILE A 311 -16.75 3.10 17.44
CA ILE A 311 -17.70 3.95 18.15
C ILE A 311 -19.08 3.42 17.79
N ARG A 312 -19.73 2.61 18.62
CA ARG A 312 -21.00 2.05 18.23
C ARG A 312 -22.25 2.72 18.76
N HIS A 313 -23.28 2.71 17.91
CA HIS A 313 -24.58 3.26 18.23
C HIS A 313 -25.33 2.29 19.13
N ILE A 314 -26.10 2.81 20.07
CA ILE A 314 -26.82 1.97 21.03
C ILE A 314 -27.53 0.77 20.46
N LEU A 315 -28.28 0.85 19.37
CA LEU A 315 -28.97 -0.33 18.83
C LEU A 315 -27.97 -1.38 18.35
N LEU A 316 -26.71 -1.00 18.03
CA LEU A 316 -25.84 -2.08 17.54
C LEU A 316 -25.60 -3.02 18.71
N ASP A 317 -25.15 -2.48 19.83
CA ASP A 317 -25.03 -3.35 21.02
C ASP A 317 -26.40 -3.88 21.40
N ALA A 318 -27.46 -3.07 21.39
CA ALA A 318 -28.79 -3.56 21.69
C ALA A 318 -29.17 -4.82 20.93
N ALA A 319 -28.95 -4.80 19.62
CA ALA A 319 -29.29 -5.84 18.68
C ALA A 319 -28.43 -7.07 18.85
N VAL A 320 -27.22 -6.92 19.37
CA VAL A 320 -26.43 -8.14 19.63
C VAL A 320 -27.20 -8.93 20.69
N LEU A 321 -27.52 -8.27 21.79
CA LEU A 321 -28.29 -8.84 22.88
C LEU A 321 -29.74 -9.21 22.62
N GLY A 322 -30.47 -8.59 21.68
CA GLY A 322 -31.86 -8.97 21.51
C GLY A 322 -32.58 -8.35 20.33
N ASP A 323 -33.58 -9.06 19.80
CA ASP A 323 -34.32 -8.58 18.63
C ASP A 323 -35.12 -7.34 18.98
N LYS A 324 -35.69 -6.72 17.95
CA LYS A 324 -36.46 -5.51 18.19
C LYS A 324 -37.65 -5.77 19.11
N ARG A 325 -38.40 -6.85 18.85
CA ARG A 325 -39.58 -7.17 19.65
C ARG A 325 -39.24 -7.21 21.14
N SER A 326 -38.05 -7.68 21.51
CA SER A 326 -37.60 -7.71 22.88
C SER A 326 -37.37 -6.34 23.51
N TYR A 327 -37.43 -5.24 22.80
CA TYR A 327 -37.28 -3.91 23.37
C TYR A 327 -38.54 -3.08 23.14
N SER A 328 -39.44 -3.55 22.29
CA SER A 328 -40.64 -2.78 21.95
C SER A 328 -41.54 -3.52 20.98
N SER A 329 -42.82 -3.15 20.99
CA SER A 329 -43.83 -3.75 20.13
C SER A 329 -43.91 -2.99 18.81
N ARG A 330 -43.57 -1.70 18.93
CA ARG A 330 -43.51 -0.81 17.78
C ARG A 330 -43.00 -1.49 16.50
N THR A 331 -43.59 -1.05 15.39
CA THR A 331 -43.27 -1.56 14.06
C THR A 331 -42.59 -0.42 13.31
N GLU A 332 -42.84 0.78 13.81
CA GLU A 332 -42.19 1.96 13.24
C GLU A 332 -40.91 2.16 14.05
N PRO A 333 -40.02 3.04 13.60
CA PRO A 333 -38.76 3.27 14.27
C PRO A 333 -38.90 3.71 15.71
N LEU A 334 -38.09 3.14 16.59
CA LEU A 334 -37.99 3.53 17.99
C LEU A 334 -37.63 5.01 18.05
N SER A 335 -38.07 5.75 19.06
CA SER A 335 -37.81 7.17 19.16
C SER A 335 -36.54 7.52 19.91
N ASP A 336 -36.26 8.82 19.94
CA ASP A 336 -35.14 9.35 20.71
C ASP A 336 -35.32 8.96 22.16
N GLU A 337 -36.50 9.17 22.72
CA GLU A 337 -36.78 8.81 24.10
C GLU A 337 -36.52 7.33 24.39
N GLU A 338 -37.11 6.44 23.59
CA GLU A 338 -36.89 4.99 23.78
C GLU A 338 -35.40 4.65 23.70
N LEU A 339 -34.67 5.25 22.76
CA LEU A 339 -33.23 4.96 22.68
C LEU A 339 -32.59 5.25 24.03
N ASP A 340 -32.76 6.41 24.62
CA ASP A 340 -32.29 6.70 25.96
C ASP A 340 -32.68 5.58 26.94
N LYS A 341 -33.95 5.21 27.03
CA LYS A 341 -34.36 4.13 27.93
C LYS A 341 -33.59 2.84 27.69
N ILE A 342 -33.30 2.47 26.44
CA ILE A 342 -32.58 1.24 26.11
C ILE A 342 -31.14 1.34 26.62
N ALA A 343 -30.54 2.51 26.45
CA ALA A 343 -29.20 2.81 26.91
C ALA A 343 -29.11 2.48 28.40
N LYS A 344 -30.03 3.08 29.16
CA LYS A 344 -30.15 2.92 30.59
C LYS A 344 -30.28 1.46 30.98
N GLN A 345 -31.22 0.77 30.36
CA GLN A 345 -31.48 -0.65 30.59
C GLN A 345 -30.26 -1.54 30.54
N LEU A 346 -29.36 -1.26 29.60
CA LEU A 346 -28.13 -2.00 29.39
C LEU A 346 -26.92 -1.41 30.08
N ASN A 347 -26.97 -0.20 30.61
CA ASN A 347 -25.84 0.42 31.28
C ASN A 347 -24.83 1.01 30.30
N LEU A 348 -25.29 1.21 29.06
CA LEU A 348 -24.47 1.77 28.01
C LEU A 348 -24.87 3.22 27.78
N GLY A 349 -24.12 3.88 26.92
CA GLY A 349 -24.41 5.23 26.48
C GLY A 349 -25.21 5.14 25.17
N ARG A 350 -25.44 6.31 24.61
CA ARG A 350 -26.13 6.55 23.35
C ARG A 350 -25.20 6.17 22.20
N TRP A 351 -23.91 6.46 22.37
CA TRP A 351 -22.81 6.10 21.51
C TRP A 351 -21.86 5.29 22.38
N ASN A 352 -21.06 4.37 21.89
CA ASN A 352 -20.16 3.58 22.75
C ASN A 352 -18.78 3.32 22.17
N PHE A 353 -17.69 3.71 22.81
CA PHE A 353 -16.34 3.56 22.27
C PHE A 353 -15.61 2.36 22.85
N TYR A 354 -15.20 1.48 21.94
CA TYR A 354 -14.48 0.25 22.34
C TYR A 354 -13.05 0.40 21.87
N GLY A 355 -12.07 -0.11 22.60
CA GLY A 355 -10.64 0.13 22.24
C GLY A 355 -9.81 -0.82 23.06
N ALA A 356 -8.48 -0.71 23.03
CA ALA A 356 -7.64 -1.69 23.75
C ALA A 356 -6.19 -1.24 23.86
N LEU A 357 -5.52 -1.51 24.95
CA LEU A 357 -4.17 -1.09 25.30
C LEU A 357 -3.22 -2.21 25.05
N TYR A 358 -2.17 -2.05 24.29
CA TYR A 358 -1.33 -3.28 24.09
C TYR A 358 0.04 -3.12 24.70
N GLY A 359 0.74 -4.14 25.20
CA GLY A 359 2.12 -3.83 25.66
C GLY A 359 2.37 -3.91 27.14
N PRO A 360 3.62 -3.75 27.55
CA PRO A 360 4.00 -3.78 28.95
C PRO A 360 3.12 -2.82 29.73
N GLU A 361 2.93 -3.13 31.01
CA GLU A 361 2.10 -2.39 31.94
C GLU A 361 2.53 -0.95 32.02
N PRO A 362 3.80 -0.70 32.24
CA PRO A 362 4.27 0.69 32.31
C PRO A 362 3.72 1.47 31.13
N ILE A 363 3.85 0.98 29.88
CA ILE A 363 3.29 1.71 28.75
C ILE A 363 1.76 1.80 28.74
N ARG A 364 1.06 0.67 28.86
CA ARG A 364 -0.38 0.70 28.95
C ARG A 364 -0.89 1.83 29.82
N ARG A 365 -0.52 1.82 31.09
CA ARG A 365 -0.87 2.78 32.10
C ARG A 365 -0.82 4.23 31.65
N VAL A 366 0.25 4.69 31.02
CA VAL A 366 0.35 6.06 30.54
C VAL A 366 -0.64 6.36 29.42
N LEU A 367 -0.83 5.41 28.51
CA LEU A 367 -1.79 5.60 27.45
C LEU A 367 -3.17 5.71 28.07
N TRP A 368 -3.45 4.74 28.95
CA TRP A 368 -4.74 4.71 29.64
C TRP A 368 -4.94 5.93 30.52
N GLU A 369 -3.94 6.57 31.14
CA GLU A 369 -4.25 7.81 31.87
C GLU A 369 -4.51 8.92 30.85
N THR A 370 -3.85 8.91 29.69
CA THR A 370 -4.11 9.94 28.70
C THR A 370 -5.50 9.82 28.06
N ILE A 371 -5.89 8.58 27.81
CA ILE A 371 -7.21 8.31 27.24
C ILE A 371 -8.32 8.79 28.17
N LYS A 372 -8.47 8.20 29.33
CA LYS A 372 -9.45 8.58 30.34
C LYS A 372 -9.47 10.10 30.54
N ASP A 373 -8.29 10.66 30.79
CA ASP A 373 -8.17 12.09 30.96
C ASP A 373 -8.92 12.90 29.91
N ALA A 374 -8.73 12.57 28.64
CA ALA A 374 -9.26 13.26 27.48
C ALA A 374 -10.76 13.05 27.37
N PHE A 375 -11.24 11.84 27.61
CA PHE A 375 -12.68 11.62 27.56
C PHE A 375 -13.38 12.09 28.83
N SER A 376 -12.68 12.56 29.84
CA SER A 376 -13.26 13.02 31.09
C SER A 376 -14.01 14.35 30.92
N ALA A 377 -13.78 15.05 29.82
CA ALA A 377 -14.39 16.33 29.54
C ALA A 377 -15.80 16.16 28.99
N ILE A 378 -16.23 14.92 28.80
CA ILE A 378 -17.57 14.69 28.34
C ILE A 378 -18.37 14.29 29.59
N PRO A 379 -19.32 15.14 29.94
CA PRO A 379 -20.12 14.91 31.12
C PRO A 379 -20.72 13.52 31.15
N GLY A 380 -20.92 12.98 32.34
CA GLY A 380 -21.51 11.66 32.51
C GLY A 380 -20.80 10.55 31.78
N VAL A 381 -19.53 10.67 31.42
CA VAL A 381 -18.81 9.59 30.72
C VAL A 381 -18.49 8.44 31.65
N LYS A 382 -18.43 7.19 31.24
CA LYS A 382 -18.20 6.09 32.18
C LYS A 382 -17.28 5.06 31.53
N PHE A 383 -16.26 4.70 32.25
CA PHE A 383 -15.19 3.79 31.91
C PHE A 383 -15.30 2.38 32.45
N TYR A 384 -15.29 1.30 31.67
CA TYR A 384 -15.44 -0.07 32.13
C TYR A 384 -14.46 -1.09 31.53
N PHE A 385 -13.98 -2.03 32.34
CA PHE A 385 -13.17 -3.12 31.82
C PHE A 385 -14.17 -4.27 31.73
N PRO A 386 -13.79 -5.29 30.97
CA PRO A 386 -14.66 -6.44 30.77
C PRO A 386 -15.35 -6.87 32.04
N GLU A 387 -14.59 -7.21 33.06
CA GLU A 387 -14.97 -7.67 34.36
C GLU A 387 -16.03 -6.84 35.08
N ASP A 388 -16.05 -5.53 34.83
CA ASP A 388 -17.03 -4.61 35.37
C ASP A 388 -18.38 -4.70 34.68
N THR A 389 -18.61 -5.54 33.71
CA THR A 389 -19.83 -5.63 32.95
C THR A 389 -20.52 -7.00 32.98
N PRO A 390 -21.81 -7.04 32.66
CA PRO A 390 -22.61 -8.26 32.64
C PRO A 390 -22.03 -9.37 31.79
N GLU A 391 -22.39 -10.62 32.05
CA GLU A 391 -21.88 -11.79 31.36
C GLU A 391 -22.05 -11.71 29.85
N ASN A 392 -23.22 -11.28 29.40
CA ASN A 392 -23.64 -11.17 28.02
C ASN A 392 -23.16 -9.92 27.31
N SER A 393 -22.43 -9.03 28.00
CA SER A 393 -22.03 -7.79 27.36
C SER A 393 -21.14 -7.96 26.13
N VAL A 394 -21.28 -6.95 25.28
CA VAL A 394 -20.56 -6.74 24.04
C VAL A 394 -19.07 -6.61 24.33
N LEU A 395 -18.69 -5.86 25.35
CA LEU A 395 -17.28 -5.67 25.72
C LEU A 395 -16.64 -7.01 26.05
N ARG A 396 -17.36 -7.93 26.68
CA ARG A 396 -16.80 -9.26 26.94
C ARG A 396 -16.52 -9.91 25.59
N VAL A 397 -17.45 -9.79 24.66
CA VAL A 397 -17.27 -10.33 23.33
C VAL A 397 -16.11 -9.61 22.62
N ARG A 398 -16.22 -8.29 22.52
CA ARG A 398 -15.18 -7.50 21.88
C ARG A 398 -13.84 -7.60 22.57
N ASP A 399 -13.73 -8.01 23.84
CA ASP A 399 -12.44 -8.21 24.48
C ASP A 399 -11.65 -9.29 23.74
N LYS A 400 -12.35 -10.32 23.26
CA LYS A 400 -11.73 -11.36 22.46
C LYS A 400 -11.44 -10.87 21.02
N THR A 401 -12.34 -10.06 20.47
CA THR A 401 -12.18 -9.55 19.13
C THR A 401 -10.92 -8.71 19.02
N MET A 402 -10.61 -7.88 20.00
CA MET A 402 -9.45 -6.99 19.89
C MET A 402 -8.11 -7.63 20.25
N GLN A 403 -8.09 -8.95 20.40
CA GLN A 403 -6.85 -9.65 20.67
C GLN A 403 -6.75 -10.76 19.61
N GLY A 404 -7.48 -10.61 18.51
CA GLY A 404 -7.42 -11.55 17.41
C GLY A 404 -8.14 -12.86 17.54
N ILE A 405 -8.95 -13.03 18.57
CA ILE A 405 -9.71 -14.25 18.78
C ILE A 405 -11.08 -14.08 18.11
N PRO A 406 -11.39 -14.98 17.20
CA PRO A 406 -12.63 -14.92 16.45
C PRO A 406 -13.82 -15.47 17.19
N THR A 407 -15.00 -14.92 16.93
CA THR A 407 -16.26 -15.35 17.54
C THR A 407 -17.43 -15.39 16.57
N TYR A 408 -18.61 -15.78 17.05
CA TYR A 408 -19.80 -15.81 16.19
C TYR A 408 -20.93 -14.98 16.80
N ASP A 409 -20.66 -14.44 17.98
CA ASP A 409 -21.55 -13.69 18.84
C ASP A 409 -22.32 -12.54 18.24
N GLU A 410 -21.61 -11.51 17.76
CA GLU A 410 -22.23 -10.35 17.16
C GLU A 410 -23.18 -10.58 16.00
N LEU A 411 -23.37 -11.78 15.48
CA LEU A 411 -24.25 -12.12 14.37
C LEU A 411 -25.71 -12.07 14.76
N LYS A 412 -25.96 -11.94 16.07
CA LYS A 412 -27.27 -11.81 16.66
C LYS A 412 -28.03 -10.63 16.09
N TRP A 413 -27.37 -9.50 15.85
CA TRP A 413 -28.05 -8.33 15.34
C TRP A 413 -28.70 -8.51 13.98
N ILE A 414 -28.23 -9.42 13.14
CA ILE A 414 -28.84 -9.56 11.83
C ILE A 414 -30.34 -9.76 11.99
N ASP A 415 -30.76 -10.48 13.02
CA ASP A 415 -32.13 -10.76 13.39
C ASP A 415 -32.85 -9.61 14.07
N TRP A 416 -32.45 -8.36 13.90
CA TRP A 416 -33.22 -7.26 14.47
C TRP A 416 -34.69 -7.53 14.15
N LEU A 417 -35.06 -7.49 12.88
CA LEU A 417 -36.39 -7.81 12.43
C LEU A 417 -36.53 -9.30 12.12
N PRO A 418 -37.76 -9.78 12.06
CA PRO A 418 -38.11 -11.15 11.81
C PRO A 418 -37.36 -11.89 10.73
N ASN A 419 -37.65 -11.59 9.46
CA ASN A 419 -36.95 -12.22 8.35
C ASN A 419 -36.00 -11.16 7.76
N GLY A 420 -35.20 -10.63 8.67
CA GLY A 420 -34.25 -9.61 8.33
C GLY A 420 -33.14 -10.13 7.40
N ALA A 421 -32.72 -9.19 6.60
CA ALA A 421 -31.63 -9.25 5.67
C ALA A 421 -31.05 -7.85 5.95
N HIS A 422 -29.78 -7.69 5.60
CA HIS A 422 -29.24 -6.34 5.84
C HIS A 422 -28.37 -5.99 4.64
N LEU A 423 -28.01 -4.72 4.56
CA LEU A 423 -27.13 -4.23 3.52
C LEU A 423 -26.29 -3.17 4.25
N PHE A 424 -25.10 -2.93 3.79
CA PHE A 424 -24.27 -1.92 4.39
C PHE A 424 -24.19 -0.68 3.54
N PHE A 425 -24.45 0.47 4.11
CA PHE A 425 -24.25 1.73 3.37
C PHE A 425 -22.94 2.20 3.98
N SER A 426 -21.87 2.27 3.20
CA SER A 426 -20.54 2.49 3.76
C SER A 426 -19.69 3.67 3.36
N PRO A 427 -20.03 4.87 3.84
CA PRO A 427 -19.30 6.07 3.51
C PRO A 427 -18.08 6.33 4.39
N ILE A 428 -17.25 7.28 3.99
CA ILE A 428 -16.03 7.57 4.72
C ILE A 428 -16.16 9.02 5.23
N ALA A 429 -15.76 9.26 6.47
CA ALA A 429 -15.87 10.63 6.97
C ALA A 429 -14.57 11.12 7.53
N LYS A 430 -14.39 12.41 7.73
CA LYS A 430 -13.14 12.90 8.33
C LYS A 430 -13.14 12.50 9.81
N VAL A 431 -12.01 12.62 10.51
CA VAL A 431 -12.01 12.30 11.92
C VAL A 431 -12.20 13.69 12.56
N SER A 432 -13.39 14.24 12.41
CA SER A 432 -13.78 15.51 12.93
C SER A 432 -15.23 15.38 13.42
N GLY A 433 -15.45 15.87 14.65
CA GLY A 433 -16.78 15.80 15.28
C GLY A 433 -17.82 16.42 14.35
N GLU A 434 -17.49 17.60 13.84
CA GLU A 434 -18.32 18.29 12.89
C GLU A 434 -18.67 17.41 11.70
N ASP A 435 -17.67 16.82 11.01
CA ASP A 435 -18.01 16.01 9.86
C ASP A 435 -18.79 14.79 10.30
N ALA A 436 -18.44 14.13 11.40
CA ALA A 436 -19.18 12.95 11.81
C ALA A 436 -20.65 13.26 12.09
N MET A 437 -20.96 14.41 12.68
CA MET A 437 -22.32 14.74 13.01
C MET A 437 -23.13 15.05 11.76
N MET A 438 -22.47 15.72 10.80
CA MET A 438 -23.09 16.00 9.51
C MET A 438 -23.43 14.71 8.77
N GLN A 439 -22.55 13.71 8.78
CA GLN A 439 -22.83 12.50 8.01
C GLN A 439 -23.92 11.69 8.67
N TYR A 440 -23.87 11.68 9.98
CA TYR A 440 -24.85 11.00 10.82
C TYR A 440 -26.26 11.55 10.62
N ALA A 441 -26.37 12.87 10.48
CA ALA A 441 -27.62 13.57 10.24
C ALA A 441 -28.26 13.14 8.93
N VAL A 442 -27.44 13.19 7.88
CA VAL A 442 -27.86 12.80 6.52
C VAL A 442 -28.35 11.37 6.52
N THR A 443 -27.62 10.44 7.15
CA THR A 443 -28.05 9.06 7.23
C THR A 443 -29.26 8.88 8.14
N LYS A 444 -29.31 9.55 9.28
CA LYS A 444 -30.48 9.38 10.17
C LYS A 444 -31.76 9.90 9.51
N LYS A 445 -31.78 11.06 8.87
CA LYS A 445 -33.00 11.53 8.21
C LYS A 445 -33.45 10.41 7.28
N ARG A 446 -32.66 10.13 6.23
CA ARG A 446 -33.04 9.15 5.24
C ARG A 446 -33.53 7.85 5.85
N CYS A 447 -32.85 7.27 6.84
CA CYS A 447 -33.40 6.03 7.43
C CYS A 447 -34.81 6.23 7.99
N GLN A 448 -35.05 7.38 8.63
CA GLN A 448 -36.35 7.73 9.17
C GLN A 448 -37.38 7.85 8.05
N GLU A 449 -37.06 8.56 6.96
CA GLU A 449 -37.98 8.69 5.83
C GLU A 449 -38.35 7.34 5.22
N ALA A 450 -37.55 6.30 5.37
CA ALA A 450 -37.84 4.95 4.89
C ALA A 450 -38.52 4.09 5.93
N GLY A 451 -38.71 4.55 7.16
CA GLY A 451 -39.36 3.81 8.23
C GLY A 451 -38.43 2.77 8.87
N LEU A 452 -37.12 3.07 8.88
CA LEU A 452 -36.20 2.11 9.46
C LEU A 452 -35.39 2.64 10.64
N ASP A 453 -35.04 1.79 11.58
CA ASP A 453 -34.18 2.24 12.67
C ASP A 453 -32.79 2.59 12.15
N PHE A 454 -32.15 3.65 12.62
CA PHE A 454 -30.79 3.91 12.20
C PHE A 454 -29.88 2.99 13.05
N ILE A 455 -29.02 2.17 12.46
CA ILE A 455 -28.11 1.33 13.19
C ILE A 455 -26.72 1.49 12.57
N GLY A 456 -25.67 1.79 13.32
CA GLY A 456 -24.35 1.96 12.72
C GLY A 456 -23.19 2.13 13.66
N THR A 457 -21.99 2.11 13.08
CA THR A 457 -20.73 2.29 13.80
C THR A 457 -19.85 3.23 12.99
N PHE A 458 -18.75 3.68 13.52
CA PHE A 458 -17.69 4.43 12.90
C PHE A 458 -16.44 3.67 13.39
N THR A 459 -15.60 3.31 12.44
CA THR A 459 -14.41 2.49 12.84
C THR A 459 -13.29 3.46 12.56
N VAL A 460 -12.44 3.77 13.52
CA VAL A 460 -11.50 4.87 13.42
C VAL A 460 -10.13 4.55 12.85
N GLY A 461 -10.02 4.98 11.59
CA GLY A 461 -8.78 4.88 10.82
C GLY A 461 -7.83 5.93 11.42
N MET A 462 -6.64 6.06 10.84
CA MET A 462 -5.71 7.02 11.42
C MET A 462 -6.17 8.42 11.06
N ARG A 463 -6.60 8.66 9.82
CA ARG A 463 -7.00 10.00 9.43
C ARG A 463 -8.36 10.02 8.74
N GLU A 464 -9.17 9.02 9.01
CA GLU A 464 -10.44 8.86 8.35
C GLU A 464 -11.30 7.91 9.17
N MET A 465 -12.61 7.97 8.98
CA MET A 465 -13.48 7.03 9.67
C MET A 465 -14.34 6.28 8.65
N HIS A 466 -14.46 4.97 8.85
CA HIS A 466 -15.28 4.10 8.07
C HIS A 466 -16.61 4.03 8.81
N HIS A 467 -17.66 4.59 8.23
CA HIS A 467 -18.98 4.59 8.79
C HIS A 467 -19.96 3.54 8.39
N ILE A 468 -19.99 2.30 8.84
CA ILE A 468 -21.00 1.31 8.47
C ILE A 468 -22.44 1.52 8.91
N VAL A 469 -23.33 2.07 8.06
CA VAL A 469 -24.77 2.10 8.34
C VAL A 469 -25.39 0.72 8.03
N CYS A 470 -26.03 0.03 8.98
CA CYS A 470 -26.63 -1.27 8.76
C CYS A 470 -28.13 -1.21 8.56
N ILE A 471 -28.52 -1.22 7.28
CA ILE A 471 -29.94 -1.12 6.92
C ILE A 471 -30.61 -2.45 7.07
N VAL A 472 -31.49 -2.62 8.09
CA VAL A 472 -32.09 -3.95 8.20
C VAL A 472 -33.55 -3.91 7.83
N PHE A 473 -33.98 -4.93 7.07
CA PHE A 473 -35.34 -4.97 6.60
C PHE A 473 -35.88 -6.38 6.43
N ASN A 474 -37.13 -6.52 6.06
CA ASN A 474 -37.79 -7.80 5.86
C ASN A 474 -37.67 -8.35 4.47
N LYS A 475 -36.86 -9.36 4.21
CA LYS A 475 -36.62 -9.92 2.90
C LYS A 475 -37.80 -10.42 2.11
N LYS A 476 -39.02 -10.39 2.59
CA LYS A 476 -40.19 -10.86 1.86
C LYS A 476 -41.21 -9.75 1.61
N ASP A 477 -40.87 -8.56 2.11
CA ASP A 477 -41.75 -7.41 1.99
C ASP A 477 -41.46 -6.60 0.74
N LEU A 478 -42.27 -6.70 -0.30
CA LEU A 478 -42.09 -5.93 -1.53
C LEU A 478 -41.93 -4.44 -1.29
N ILE A 479 -42.85 -3.87 -0.51
CA ILE A 479 -42.87 -2.45 -0.17
C ILE A 479 -41.61 -1.96 0.58
N GLN A 480 -41.08 -2.74 1.52
CA GLN A 480 -39.90 -2.26 2.27
C GLN A 480 -38.62 -2.50 1.50
N LYS A 481 -38.59 -3.57 0.71
CA LYS A 481 -37.39 -3.76 -0.11
C LYS A 481 -37.17 -2.53 -1.01
N ARG A 482 -38.25 -2.07 -1.65
CA ARG A 482 -38.21 -0.88 -2.48
C ARG A 482 -37.80 0.35 -1.68
N LYS A 483 -38.34 0.52 -0.47
CA LYS A 483 -37.90 1.65 0.35
C LYS A 483 -36.39 1.46 0.59
N VAL A 484 -35.96 0.21 0.86
CA VAL A 484 -34.53 -0.05 1.01
C VAL A 484 -33.76 0.32 -0.25
N GLN A 485 -34.27 -0.05 -1.43
CA GLN A 485 -33.57 0.41 -2.64
C GLN A 485 -33.62 1.93 -2.72
N TRP A 486 -34.75 2.58 -2.43
CA TRP A 486 -34.75 4.02 -2.47
C TRP A 486 -33.78 4.58 -1.43
N LEU A 487 -33.72 4.12 -0.20
CA LEU A 487 -32.79 4.67 0.80
C LEU A 487 -31.34 4.74 0.32
N MET A 488 -30.91 3.54 -0.06
CA MET A 488 -29.57 3.27 -0.57
C MET A 488 -29.13 4.23 -1.66
N ARG A 489 -29.87 4.30 -2.78
CA ARG A 489 -29.46 5.22 -3.85
C ARG A 489 -29.53 6.72 -3.51
N THR A 490 -30.40 7.14 -2.61
CA THR A 490 -30.56 8.50 -2.15
C THR A 490 -29.35 8.76 -1.24
N LEU A 491 -29.08 7.77 -0.34
CA LEU A 491 -27.90 7.99 0.50
C LEU A 491 -26.65 8.19 -0.37
N ILE A 492 -26.42 7.27 -1.32
CA ILE A 492 -25.30 7.42 -2.25
C ILE A 492 -25.24 8.85 -2.78
N ASP A 493 -26.27 9.41 -3.41
CA ASP A 493 -26.20 10.79 -3.90
C ASP A 493 -26.04 11.82 -2.79
N ASP A 494 -26.89 11.77 -1.77
CA ASP A 494 -26.74 12.73 -0.67
C ASP A 494 -25.27 12.79 -0.25
N CYS A 495 -24.71 11.62 0.08
CA CYS A 495 -23.30 11.59 0.53
C CYS A 495 -22.34 12.15 -0.49
N ALA A 496 -22.55 11.84 -1.77
CA ALA A 496 -21.67 12.42 -2.80
C ALA A 496 -21.85 13.93 -2.87
N ALA A 497 -23.02 14.50 -2.62
CA ALA A 497 -23.23 15.94 -2.59
C ALA A 497 -22.60 16.67 -1.40
N ASN A 498 -22.16 15.92 -0.41
CA ASN A 498 -21.47 16.40 0.77
C ASN A 498 -19.99 15.98 0.75
N GLY A 499 -19.51 15.52 -0.41
CA GLY A 499 -18.10 15.15 -0.50
C GLY A 499 -17.64 13.85 0.10
N TRP A 500 -18.49 12.84 0.27
CA TRP A 500 -18.13 11.56 0.85
C TRP A 500 -18.41 10.42 -0.15
N GLY A 501 -17.49 9.47 -0.18
CA GLY A 501 -17.64 8.30 -1.03
C GLY A 501 -17.78 7.03 -0.23
N GLU A 502 -18.28 5.97 -0.86
CA GLU A 502 -18.40 4.67 -0.19
C GLU A 502 -17.15 3.82 -0.49
N TYR A 503 -16.80 2.95 0.45
CA TYR A 503 -15.56 2.19 0.32
C TYR A 503 -15.84 0.79 -0.17
N ARG A 504 -17.13 0.43 -0.22
CA ARG A 504 -17.49 -0.93 -0.63
C ARG A 504 -18.98 -1.08 -0.70
N THR A 505 -19.64 -1.80 -1.58
CA THR A 505 -21.06 -1.95 -1.64
C THR A 505 -21.49 -3.31 -2.23
N HIS A 506 -22.82 -3.45 -2.17
CA HIS A 506 -23.44 -4.64 -2.72
C HIS A 506 -23.53 -4.60 -4.23
N LEU A 507 -23.66 -5.78 -4.87
CA LEU A 507 -23.77 -5.88 -6.31
C LEU A 507 -24.70 -4.89 -7.01
N ALA A 508 -25.78 -4.37 -6.41
CA ALA A 508 -26.67 -3.49 -7.16
C ALA A 508 -26.33 -2.02 -7.11
N PHE A 509 -25.27 -1.66 -6.37
CA PHE A 509 -24.95 -0.24 -6.19
C PHE A 509 -23.60 0.09 -6.77
N MET A 510 -23.01 -1.03 -7.26
CA MET A 510 -21.63 -0.93 -7.81
C MET A 510 -21.51 0.10 -8.92
N ASP A 511 -22.48 0.03 -9.87
CA ASP A 511 -22.41 1.09 -10.92
C ASP A 511 -22.67 2.48 -10.32
N GLN A 512 -23.73 2.58 -9.49
CA GLN A 512 -24.02 3.88 -8.87
C GLN A 512 -22.83 4.45 -8.11
N ILE A 513 -22.25 3.66 -7.20
CA ILE A 513 -21.07 4.16 -6.48
C ILE A 513 -19.91 4.42 -7.43
N MET A 514 -19.60 3.58 -8.44
CA MET A 514 -18.49 4.00 -9.30
C MET A 514 -18.81 5.32 -9.97
N GLU A 515 -20.04 5.56 -10.49
CA GLU A 515 -20.36 6.84 -11.14
C GLU A 515 -20.05 8.05 -10.27
N THR A 516 -20.15 7.95 -8.94
CA THR A 516 -19.75 8.92 -7.94
C THR A 516 -18.27 9.29 -7.99
N TYR A 517 -17.38 8.37 -8.39
CA TYR A 517 -15.96 8.73 -8.50
C TYR A 517 -15.67 9.22 -9.92
N ASN A 518 -16.41 10.21 -10.41
CA ASN A 518 -16.27 10.71 -11.76
C ASN A 518 -15.45 11.97 -11.97
N TRP A 519 -14.61 12.40 -11.04
CA TRP A 519 -13.80 13.57 -11.38
C TRP A 519 -13.28 13.60 -12.81
N ASN A 520 -13.14 14.77 -13.42
CA ASN A 520 -12.66 14.98 -14.77
C ASN A 520 -13.28 13.98 -15.74
N ASN A 521 -14.63 14.01 -15.80
CA ASN A 521 -15.37 13.17 -16.72
C ASN A 521 -15.07 11.68 -16.67
N SER A 522 -15.08 11.08 -15.50
CA SER A 522 -14.85 9.65 -15.38
C SER A 522 -13.48 9.12 -15.76
N SER A 523 -12.44 9.94 -15.71
CA SER A 523 -11.10 9.45 -15.94
C SER A 523 -10.73 8.15 -15.25
N PHE A 524 -10.94 8.06 -13.96
CA PHE A 524 -10.70 6.90 -13.16
C PHE A 524 -11.25 5.63 -13.79
N LEU A 525 -12.51 5.55 -14.14
CA LEU A 525 -13.11 4.32 -14.68
C LEU A 525 -12.70 4.05 -16.11
N ARG A 526 -12.47 5.09 -16.90
CA ARG A 526 -12.02 5.00 -18.27
C ARG A 526 -10.68 4.27 -18.25
N PHE A 527 -9.76 4.77 -17.44
CA PHE A 527 -8.44 4.14 -17.32
C PHE A 527 -8.59 2.72 -16.81
N ASN A 528 -9.52 2.46 -15.85
CA ASN A 528 -9.70 1.07 -15.40
C ASN A 528 -10.22 0.22 -16.53
N GLU A 529 -10.99 0.77 -17.47
CA GLU A 529 -11.54 -0.03 -18.56
C GLU A 529 -10.46 -0.51 -19.53
N VAL A 530 -9.45 0.29 -19.79
CA VAL A 530 -8.29 0.03 -20.59
C VAL A 530 -7.51 -1.13 -20.02
N LEU A 531 -7.15 -1.09 -18.74
CA LEU A 531 -6.44 -2.21 -18.13
C LEU A 531 -7.21 -3.52 -18.20
N LYS A 532 -8.49 -3.46 -17.87
CA LYS A 532 -9.31 -4.68 -17.93
C LYS A 532 -9.41 -5.24 -19.34
N ASN A 533 -9.62 -4.47 -20.40
CA ASN A 533 -9.78 -5.06 -21.73
C ASN A 533 -8.44 -5.62 -22.24
N ALA A 534 -7.35 -4.98 -21.79
CA ALA A 534 -6.02 -5.43 -22.15
C ALA A 534 -5.80 -6.84 -21.65
N VAL A 535 -5.99 -7.06 -20.37
CA VAL A 535 -5.70 -8.33 -19.74
C VAL A 535 -6.82 -9.32 -19.86
N ASP A 536 -8.08 -8.96 -20.09
CA ASP A 536 -9.19 -9.91 -20.27
C ASP A 536 -9.90 -9.63 -21.58
N PRO A 537 -9.36 -9.87 -22.75
CA PRO A 537 -9.91 -9.73 -24.08
C PRO A 537 -11.19 -10.48 -24.23
N ASN A 538 -11.52 -11.61 -23.60
CA ASN A 538 -12.82 -12.21 -23.69
C ASN A 538 -13.80 -11.73 -22.62
N GLY A 539 -13.32 -10.90 -21.68
CA GLY A 539 -14.16 -10.42 -20.59
C GLY A 539 -14.80 -11.50 -19.74
N ILE A 540 -14.08 -12.54 -19.40
CA ILE A 540 -14.64 -13.65 -18.65
C ILE A 540 -14.36 -13.59 -17.16
N ILE A 541 -13.53 -12.65 -16.70
CA ILE A 541 -13.35 -12.59 -15.27
C ILE A 541 -14.31 -11.58 -14.64
N ALA A 542 -15.34 -12.11 -14.00
CA ALA A 542 -16.24 -11.21 -13.26
C ALA A 542 -16.69 -9.90 -13.86
N PRO A 543 -17.34 -9.92 -15.01
CA PRO A 543 -17.81 -8.69 -15.63
C PRO A 543 -18.68 -7.91 -14.64
N GLY A 544 -18.37 -6.61 -14.51
CA GLY A 544 -19.15 -5.74 -13.68
C GLY A 544 -18.65 -5.51 -12.28
N LYS A 545 -17.72 -6.33 -11.77
CA LYS A 545 -17.16 -6.04 -10.46
C LYS A 545 -16.75 -4.57 -10.40
N SER A 546 -17.18 -3.92 -9.31
CA SER A 546 -16.92 -2.51 -9.05
C SER A 546 -17.42 -1.56 -10.11
N GLY A 547 -18.35 -1.96 -10.99
CA GLY A 547 -18.73 -1.08 -12.09
C GLY A 547 -17.76 -1.17 -13.27
N VAL A 548 -16.89 -2.17 -13.32
CA VAL A 548 -15.92 -2.26 -14.41
C VAL A 548 -16.34 -3.34 -15.40
N TRP A 549 -16.61 -2.83 -16.60
CA TRP A 549 -17.12 -3.70 -17.64
C TRP A 549 -16.26 -3.83 -18.88
N PRO A 550 -15.92 -5.05 -19.25
CA PRO A 550 -15.27 -5.31 -20.51
C PRO A 550 -16.17 -4.85 -21.68
N SER A 551 -15.52 -4.61 -22.81
CA SER A 551 -16.16 -4.11 -24.02
C SER A 551 -17.33 -4.89 -24.59
N GLN A 552 -17.44 -6.18 -24.38
CA GLN A 552 -18.54 -7.01 -24.85
C GLN A 552 -19.84 -6.99 -24.04
N TYR A 553 -19.92 -6.21 -23.00
CA TYR A 553 -21.00 -6.00 -22.06
C TYR A 553 -21.39 -4.53 -22.21
N SER A 554 -22.41 -4.36 -23.03
CA SER A 554 -23.00 -3.05 -23.30
C SER A 554 -23.38 -2.40 -21.98
N HIS A 555 -22.95 -1.16 -21.76
CA HIS A 555 -23.33 -0.44 -20.58
C HIS A 555 -24.86 -0.20 -20.46
N VAL A 556 -25.50 0.02 -21.58
CA VAL A 556 -26.86 0.34 -21.79
C VAL A 556 -27.63 -0.88 -21.28
N THR A 557 -27.11 -2.04 -21.69
CA THR A 557 -27.80 -3.24 -21.20
C THR A 557 -27.55 -3.61 -19.75
N TRP A 558 -26.33 -3.51 -19.26
CA TRP A 558 -26.01 -4.04 -17.94
C TRP A 558 -25.91 -3.16 -16.72
N LYS A 559 -25.81 -1.84 -16.81
CA LYS A 559 -25.65 -1.03 -15.62
C LYS A 559 -26.95 -0.85 -14.85
N LEU A 560 -26.77 -0.78 -13.55
CA LEU A 560 -27.82 -0.48 -12.60
C LEU A 560 -27.27 0.88 -12.02
N GLU B 6 15.84 25.16 -31.24
CA GLU B 6 17.24 24.93 -31.68
C GLU B 6 17.32 23.75 -32.65
N PHE B 7 18.37 23.72 -33.45
CA PHE B 7 18.67 22.89 -34.54
C PHE B 7 19.35 21.59 -34.73
N ARG B 8 20.48 21.26 -34.11
CA ARG B 8 21.13 19.97 -34.35
C ARG B 8 21.66 19.32 -33.08
N PRO B 9 20.88 18.37 -32.56
CA PRO B 9 21.25 17.65 -31.35
C PRO B 9 22.35 16.65 -31.58
N LEU B 10 23.03 16.21 -30.52
CA LEU B 10 24.07 15.19 -30.64
C LEU B 10 23.46 13.83 -30.98
N THR B 11 22.29 13.56 -30.43
CA THR B 11 21.54 12.34 -30.61
C THR B 11 20.04 12.60 -30.72
N LEU B 12 19.46 11.97 -31.72
CA LEU B 12 18.04 12.06 -32.00
C LEU B 12 17.36 10.78 -31.53
N PRO B 13 16.15 10.89 -31.03
CA PRO B 13 15.36 9.75 -30.62
C PRO B 13 15.24 8.78 -31.78
N PRO B 14 15.01 7.51 -31.50
CA PRO B 14 14.84 6.48 -32.51
C PRO B 14 13.90 6.85 -33.63
N LYS B 15 14.21 6.50 -34.87
CA LYS B 15 13.45 6.72 -36.07
C LYS B 15 13.06 8.14 -36.47
N LEU B 16 13.40 9.16 -35.70
CA LEU B 16 13.01 10.53 -35.95
C LEU B 16 14.03 11.28 -36.79
N SER B 17 13.52 12.03 -37.76
CA SER B 17 14.40 12.83 -38.61
C SER B 17 14.75 14.11 -37.86
N LEU B 18 15.72 14.79 -38.44
CA LEU B 18 16.22 16.06 -37.94
C LEU B 18 15.20 17.17 -38.13
N SER B 19 14.39 17.00 -39.19
CA SER B 19 13.35 17.92 -39.56
C SER B 19 12.17 17.78 -38.58
N ASP B 20 11.83 16.51 -38.33
CA ASP B 20 10.76 16.24 -37.37
C ASP B 20 11.22 16.84 -36.04
N PHE B 21 12.43 16.44 -35.62
CA PHE B 21 12.99 17.00 -34.40
C PHE B 21 12.87 18.51 -34.34
N ASN B 22 13.31 19.26 -35.35
CA ASN B 22 13.20 20.71 -35.29
C ASN B 22 11.76 21.22 -35.25
N GLU B 23 10.83 20.64 -35.98
CA GLU B 23 9.42 21.01 -35.97
C GLU B 23 8.84 20.92 -34.56
N PHE B 24 9.12 19.81 -33.89
CA PHE B 24 8.68 19.55 -32.52
C PHE B 24 9.19 20.64 -31.57
N ILE B 25 10.51 20.79 -31.55
CA ILE B 25 11.14 21.78 -30.66
C ILE B 25 10.57 23.16 -30.88
N GLN B 26 10.35 23.59 -32.12
CA GLN B 26 9.73 24.91 -32.31
C GLN B 26 8.33 24.97 -31.70
N ASP B 27 7.58 23.88 -31.74
CA ASP B 27 6.25 23.77 -31.16
C ASP B 27 6.26 23.85 -29.63
N ILE B 28 7.25 23.21 -29.01
CA ILE B 28 7.42 23.23 -27.56
C ILE B 28 7.95 24.60 -27.11
N ILE B 29 8.82 25.16 -27.95
CA ILE B 29 9.36 26.49 -27.70
C ILE B 29 8.24 27.52 -27.74
N ARG B 30 7.34 27.40 -28.70
CA ARG B 30 6.18 28.27 -28.80
C ARG B 30 5.25 28.09 -27.61
N ILE B 31 5.19 26.92 -26.95
CA ILE B 31 4.33 26.72 -25.80
C ILE B 31 5.00 27.19 -24.52
N VAL B 32 6.21 26.73 -24.18
CA VAL B 32 6.80 27.07 -22.91
C VAL B 32 7.86 28.16 -22.87
N GLY B 33 8.15 28.75 -24.02
CA GLY B 33 9.16 29.78 -24.11
C GLY B 33 10.55 29.19 -24.25
N SER B 34 11.37 29.84 -25.09
CA SER B 34 12.73 29.38 -25.31
C SER B 34 13.55 29.18 -24.05
N GLU B 35 13.24 29.86 -22.97
CA GLU B 35 13.93 29.80 -21.70
C GLU B 35 13.74 28.49 -20.95
N ASN B 36 12.70 27.74 -21.30
CA ASN B 36 12.38 26.47 -20.68
C ASN B 36 12.67 25.29 -21.59
N VAL B 37 13.39 25.48 -22.69
CA VAL B 37 13.70 24.41 -23.60
C VAL B 37 15.19 24.38 -23.92
N GLU B 38 16.05 23.52 -23.43
CA GLU B 38 17.44 23.53 -23.86
C GLU B 38 17.78 22.31 -24.71
N VAL B 39 18.35 22.46 -25.88
CA VAL B 39 18.76 21.47 -26.83
C VAL B 39 20.21 21.08 -26.59
N ILE B 40 20.59 19.82 -26.58
CA ILE B 40 21.98 19.43 -26.35
C ILE B 40 22.67 19.19 -27.68
N SER B 41 23.53 20.10 -28.11
CA SER B 41 24.26 20.14 -29.35
C SER B 41 25.74 19.79 -29.29
N MET B 52 24.05 20.44 -6.01
CA MET B 52 23.65 21.85 -6.06
C MET B 52 23.01 22.13 -7.43
N LYS B 53 23.87 22.06 -8.46
CA LYS B 53 23.39 22.28 -9.85
C LYS B 53 23.52 20.91 -10.53
N PRO B 54 22.48 20.08 -10.44
CA PRO B 54 22.52 18.75 -11.03
C PRO B 54 22.41 18.81 -12.54
N THR B 55 23.14 17.95 -13.25
CA THR B 55 23.01 18.00 -14.72
C THR B 55 21.70 17.30 -15.09
N HIS B 56 21.10 17.64 -16.22
CA HIS B 56 19.83 17.02 -16.61
C HIS B 56 19.98 16.38 -18.00
N THR B 57 21.24 16.41 -18.47
CA THR B 57 21.51 15.92 -19.82
C THR B 57 22.14 14.54 -19.92
N HIS B 58 22.89 14.14 -18.88
CA HIS B 58 23.61 12.89 -18.96
C HIS B 58 23.88 12.21 -17.62
N ASP B 59 24.12 10.90 -17.65
CA ASP B 59 24.45 10.14 -16.45
C ASP B 59 25.74 10.73 -15.90
N PRO B 60 25.70 11.22 -14.67
CA PRO B 60 26.82 11.92 -14.05
C PRO B 60 27.84 11.04 -13.36
N THR B 61 27.30 9.88 -13.01
CA THR B 61 28.05 8.83 -12.29
C THR B 61 28.36 7.86 -13.40
N HIS B 62 29.10 8.39 -14.39
CA HIS B 62 29.43 7.68 -15.61
C HIS B 62 29.90 6.27 -15.22
N VAL B 63 29.31 5.25 -15.80
CA VAL B 63 29.68 3.88 -15.46
C VAL B 63 29.79 3.21 -16.85
N MET B 64 28.78 3.56 -17.65
CA MET B 64 28.76 3.06 -19.02
C MET B 64 29.43 4.16 -19.83
N ASP B 65 29.45 4.04 -21.15
CA ASP B 65 30.09 5.18 -21.84
C ASP B 65 29.12 5.95 -22.71
N GLN B 66 29.68 6.79 -23.54
CA GLN B 66 29.04 7.66 -24.50
C GLN B 66 28.07 7.02 -25.46
N ASP B 67 27.03 7.83 -25.70
CA ASP B 67 25.94 7.41 -26.57
C ASP B 67 24.84 6.84 -25.67
N TYR B 68 25.23 6.40 -24.48
CA TYR B 68 24.29 5.86 -23.50
C TYR B 68 23.75 7.00 -22.65
N PHE B 69 22.47 6.92 -22.37
CA PHE B 69 21.69 7.78 -21.51
C PHE B 69 21.88 9.27 -21.70
N LEU B 70 21.89 9.69 -22.97
CA LEU B 70 22.08 11.09 -23.31
C LEU B 70 20.84 11.73 -23.90
N ALA B 71 20.26 12.70 -23.25
CA ALA B 71 19.05 13.36 -23.70
C ALA B 71 19.30 14.12 -24.99
N SER B 72 18.23 14.46 -25.70
CA SER B 72 18.36 15.32 -26.88
C SER B 72 18.05 16.76 -26.46
N ALA B 73 17.13 16.94 -25.53
CA ALA B 73 16.74 18.26 -25.08
C ALA B 73 16.15 18.16 -23.66
N ILE B 74 16.14 19.26 -22.94
CA ILE B 74 15.56 19.23 -21.59
C ILE B 74 14.35 20.15 -21.74
N VAL B 75 13.19 19.83 -21.21
CA VAL B 75 12.05 20.73 -21.41
C VAL B 75 11.42 20.94 -20.03
N ALA B 76 11.25 22.20 -19.62
CA ALA B 76 10.63 22.47 -18.33
C ALA B 76 9.24 23.11 -18.51
N PRO B 77 8.21 22.29 -18.29
CA PRO B 77 6.84 22.77 -18.41
C PRO B 77 6.55 23.87 -17.38
N ARG B 78 5.69 24.82 -17.75
CA ARG B 78 5.35 25.91 -16.85
C ARG B 78 4.29 25.42 -15.88
N ASN B 79 3.48 24.48 -16.35
CA ASN B 79 2.39 23.92 -15.55
C ASN B 79 1.81 22.62 -16.08
N VAL B 80 0.72 22.14 -15.49
CA VAL B 80 0.07 20.91 -15.95
C VAL B 80 -0.39 21.00 -17.39
N ALA B 81 -1.01 22.07 -17.85
CA ALA B 81 -1.43 22.17 -19.25
C ALA B 81 -0.26 21.92 -20.20
N ASP B 82 0.87 22.53 -19.82
CA ASP B 82 2.05 22.38 -20.64
C ASP B 82 2.42 20.90 -20.72
N VAL B 83 2.26 20.16 -19.62
CA VAL B 83 2.60 18.73 -19.69
C VAL B 83 1.68 18.01 -20.66
N GLN B 84 0.41 18.37 -20.68
CA GLN B 84 -0.58 17.84 -21.60
C GLN B 84 -0.32 18.19 -23.06
N SER B 85 0.12 19.40 -23.36
CA SER B 85 0.49 19.75 -24.72
C SER B 85 1.77 18.98 -25.08
N ILE B 86 2.81 18.94 -24.24
CA ILE B 86 4.00 18.16 -24.58
C ILE B 86 3.72 16.68 -24.79
N VAL B 87 2.75 16.09 -24.07
CA VAL B 87 2.38 14.70 -24.30
C VAL B 87 1.72 14.52 -25.66
N GLY B 88 0.86 15.50 -25.97
CA GLY B 88 0.17 15.58 -27.25
C GLY B 88 1.17 15.49 -28.41
N LEU B 89 2.20 16.33 -28.34
CA LEU B 89 3.25 16.37 -29.33
C LEU B 89 4.10 15.10 -29.30
N ALA B 90 4.39 14.46 -28.17
CA ALA B 90 5.19 13.24 -28.23
C ALA B 90 4.37 12.15 -28.96
N ASN B 91 3.06 12.15 -28.72
CA ASN B 91 2.21 11.19 -29.40
C ASN B 91 2.16 11.52 -30.89
N LYS B 92 2.11 12.80 -31.28
CA LYS B 92 2.06 13.13 -32.69
C LYS B 92 3.37 12.72 -33.36
N PHE B 93 4.50 13.14 -32.83
CA PHE B 93 5.80 12.86 -33.41
C PHE B 93 6.44 11.57 -32.93
N SER B 94 5.91 10.84 -31.96
CA SER B 94 6.64 9.64 -31.57
C SER B 94 7.98 10.04 -30.99
N PHE B 95 7.96 10.80 -29.89
CA PHE B 95 9.18 11.26 -29.25
C PHE B 95 9.09 10.79 -27.80
N PRO B 96 10.04 9.99 -27.39
CA PRO B 96 10.14 9.49 -26.06
C PRO B 96 10.47 10.65 -25.13
N LEU B 97 9.72 10.64 -24.04
CA LEU B 97 9.89 11.52 -22.91
C LEU B 97 10.49 10.85 -21.67
N TRP B 98 11.32 11.60 -20.95
CA TRP B 98 11.81 11.03 -19.66
C TRP B 98 11.50 12.00 -18.53
N PRO B 99 10.48 11.76 -17.74
CA PRO B 99 10.06 12.67 -16.69
C PRO B 99 10.90 12.72 -15.42
N ILE B 100 11.45 13.87 -15.03
CA ILE B 100 12.15 13.93 -13.76
C ILE B 100 11.54 15.00 -12.81
N SER B 101 11.74 14.89 -11.49
CA SER B 101 11.31 15.91 -10.55
C SER B 101 12.52 16.77 -10.15
N ILE B 102 13.62 16.12 -9.71
CA ILE B 102 14.82 16.90 -9.35
C ILE B 102 16.10 16.42 -10.03
N GLY B 103 16.37 15.14 -10.14
CA GLY B 103 17.50 14.58 -10.83
C GLY B 103 18.78 14.61 -10.00
N ARG B 104 18.69 14.69 -8.68
CA ARG B 104 19.84 14.75 -7.81
C ARG B 104 20.48 13.41 -7.48
N ASN B 105 19.80 12.28 -7.69
CA ASN B 105 20.33 11.00 -7.26
C ASN B 105 21.24 10.27 -8.23
N SER B 106 22.42 10.85 -8.40
CA SER B 106 23.53 10.22 -9.14
C SER B 106 23.73 8.91 -8.39
N GLY B 107 23.96 7.79 -9.05
CA GLY B 107 24.02 6.56 -8.16
C GLY B 107 22.83 5.70 -8.58
N TYR B 108 21.85 6.36 -9.16
CA TYR B 108 20.69 5.75 -9.75
C TYR B 108 20.62 6.33 -11.16
N GLY B 109 21.56 7.24 -11.42
CA GLY B 109 21.79 7.79 -12.73
C GLY B 109 21.27 9.19 -12.91
N GLY B 110 20.96 9.85 -11.80
CA GLY B 110 20.46 11.22 -11.89
C GLY B 110 19.34 11.30 -12.90
N ALA B 111 19.26 12.42 -13.62
CA ALA B 111 18.17 12.63 -14.56
C ALA B 111 18.37 12.02 -15.94
N ALA B 112 19.42 11.27 -16.21
CA ALA B 112 19.62 10.74 -17.54
C ALA B 112 18.47 9.84 -17.95
N PRO B 113 18.09 9.89 -19.22
CA PRO B 113 17.03 9.07 -19.77
C PRO B 113 17.52 7.66 -20.08
N ARG B 114 16.72 6.60 -20.00
CA ARG B 114 17.18 5.25 -20.31
C ARG B 114 17.52 5.10 -21.80
N VAL B 115 16.73 5.79 -22.69
CA VAL B 115 17.06 5.77 -24.09
C VAL B 115 17.55 7.13 -24.57
N SER B 116 18.66 7.12 -25.31
CA SER B 116 19.18 8.38 -25.85
C SER B 116 18.26 9.00 -26.89
N GLY B 117 18.30 10.33 -26.94
CA GLY B 117 17.45 11.12 -27.85
C GLY B 117 16.19 11.57 -27.09
N SER B 118 15.96 11.04 -25.89
CA SER B 118 14.74 11.41 -25.19
C SER B 118 14.79 12.89 -24.84
N VAL B 119 13.61 13.44 -24.59
CA VAL B 119 13.51 14.80 -24.08
C VAL B 119 13.39 14.69 -22.58
N VAL B 120 14.35 15.06 -21.77
CA VAL B 120 14.12 14.98 -20.30
C VAL B 120 13.05 16.01 -19.94
N LEU B 121 12.08 15.62 -19.13
CA LEU B 121 10.99 16.52 -18.78
C LEU B 121 11.22 17.02 -17.36
N ASP B 122 11.80 18.21 -17.24
CA ASP B 122 12.15 18.79 -15.94
C ASP B 122 10.91 19.35 -15.27
N MET B 123 10.21 18.56 -14.49
CA MET B 123 8.96 18.95 -13.85
C MET B 123 9.14 19.91 -12.67
N GLY B 124 10.31 19.85 -12.05
CA GLY B 124 10.64 20.63 -10.90
C GLY B 124 10.96 22.09 -11.10
N LYS B 125 11.52 22.45 -12.25
CA LYS B 125 11.93 23.83 -12.44
C LYS B 125 10.76 24.75 -12.19
N ASN B 126 9.62 24.57 -12.87
CA ASN B 126 8.50 25.48 -12.66
C ASN B 126 7.37 24.91 -11.83
N MET B 127 7.09 23.62 -11.80
CA MET B 127 6.01 23.10 -10.93
C MET B 127 6.61 22.64 -9.60
N ASN B 128 6.80 23.61 -8.73
CA ASN B 128 7.42 23.87 -7.49
C ASN B 128 6.61 24.10 -6.22
N ARG B 129 5.30 24.24 -6.31
CA ARG B 129 4.53 24.67 -5.18
C ARG B 129 4.13 23.72 -4.09
N VAL B 130 4.33 24.22 -2.86
CA VAL B 130 3.76 23.54 -1.68
C VAL B 130 2.27 23.90 -1.84
N LEU B 131 1.46 22.93 -2.25
CA LEU B 131 0.06 23.25 -2.53
C LEU B 131 -0.83 23.38 -1.31
N GLU B 132 -0.56 22.62 -0.26
CA GLU B 132 -1.45 22.69 0.90
C GLU B 132 -0.89 21.96 2.12
N VAL B 133 -0.80 22.62 3.25
CA VAL B 133 -0.34 21.95 4.46
C VAL B 133 -1.59 21.99 5.33
N ASN B 134 -2.19 20.85 5.58
CA ASN B 134 -3.41 20.75 6.37
C ASN B 134 -3.10 20.15 7.74
N VAL B 135 -3.28 20.97 8.80
CA VAL B 135 -3.01 20.53 10.16
C VAL B 135 -3.94 19.49 10.75
N GLU B 136 -5.25 19.63 10.73
CA GLU B 136 -6.12 18.62 11.34
C GLU B 136 -6.12 17.25 10.71
N GLY B 137 -5.74 17.19 9.43
CA GLY B 137 -5.63 15.99 8.64
C GLY B 137 -4.20 15.51 8.73
N ALA B 138 -3.24 16.42 8.94
CA ALA B 138 -1.85 15.97 9.10
C ALA B 138 -1.31 15.39 7.78
N TYR B 139 -1.28 16.29 6.79
CA TYR B 139 -0.84 15.97 5.46
C TYR B 139 -0.44 17.24 4.71
N CYS B 140 0.34 17.08 3.63
CA CYS B 140 0.65 18.20 2.76
C CYS B 140 0.32 17.75 1.32
N VAL B 141 0.24 18.69 0.40
CA VAL B 141 0.01 18.35 -1.00
C VAL B 141 1.12 19.06 -1.76
N VAL B 142 1.79 18.32 -2.64
CA VAL B 142 3.02 18.80 -3.26
C VAL B 142 3.22 18.53 -4.73
N GLU B 143 3.98 19.42 -5.40
CA GLU B 143 4.34 19.34 -6.82
C GLU B 143 5.76 18.76 -6.90
N PRO B 144 6.14 18.26 -8.08
CA PRO B 144 7.43 17.62 -8.26
C PRO B 144 8.59 18.39 -7.72
N GLY B 145 8.60 19.71 -7.85
CA GLY B 145 9.68 20.59 -7.48
C GLY B 145 9.96 20.92 -6.04
N VAL B 146 9.02 20.70 -5.13
CA VAL B 146 9.23 20.92 -3.72
C VAL B 146 10.30 19.94 -3.23
N THR B 147 11.49 20.44 -2.93
CA THR B 147 12.48 19.54 -2.33
C THR B 147 12.14 19.45 -0.84
N TYR B 148 12.85 18.61 -0.11
CA TYR B 148 12.69 18.42 1.32
C TYR B 148 13.06 19.69 2.07
N HIS B 149 14.07 20.40 1.56
CA HIS B 149 14.52 21.68 2.09
C HIS B 149 13.40 22.71 1.98
N ASP B 150 12.82 22.80 0.80
CA ASP B 150 11.69 23.66 0.52
C ASP B 150 10.51 23.32 1.42
N LEU B 151 10.16 22.06 1.67
CA LEU B 151 8.99 21.78 2.50
C LEU B 151 9.30 22.23 3.92
N HIS B 152 10.55 22.12 4.34
CA HIS B 152 11.03 22.50 5.66
C HIS B 152 10.91 24.00 5.88
N ASN B 153 11.40 24.79 4.92
CA ASN B 153 11.34 26.24 4.98
C ASN B 153 9.88 26.64 4.94
N TYR B 154 9.09 25.89 4.15
CA TYR B 154 7.66 26.18 4.09
C TYR B 154 7.06 26.05 5.49
N LEU B 155 7.43 25.05 6.26
CA LEU B 155 6.84 24.89 7.57
C LEU B 155 7.29 25.96 8.55
N GLU B 156 8.58 26.29 8.46
CA GLU B 156 9.16 27.24 9.41
C GLU B 156 8.62 28.64 9.24
N ALA B 157 8.39 29.07 8.01
CA ALA B 157 7.82 30.36 7.74
C ALA B 157 6.32 30.42 8.00
N ASN B 158 5.65 29.33 8.37
CA ASN B 158 4.21 29.43 8.67
C ASN B 158 3.95 28.95 10.10
N ASN B 159 4.97 28.83 10.92
CA ASN B 159 4.84 28.38 12.29
C ASN B 159 4.47 26.93 12.52
N LEU B 160 4.48 26.08 11.50
CA LEU B 160 4.09 24.68 11.59
C LEU B 160 5.13 23.73 12.13
N ARG B 161 6.35 24.21 12.31
CA ARG B 161 7.48 23.48 12.85
C ARG B 161 7.17 22.76 14.15
N ASP B 162 6.40 23.33 15.07
CA ASP B 162 6.09 22.66 16.32
C ASP B 162 4.75 21.94 16.34
N LYS B 163 4.15 21.71 15.19
CA LYS B 163 2.90 20.96 15.06
C LYS B 163 3.05 19.73 14.16
N LEU B 164 3.78 19.90 13.06
CA LEU B 164 3.98 18.87 12.07
C LEU B 164 5.46 18.61 11.74
N TRP B 165 5.89 17.35 11.66
CA TRP B 165 7.28 17.09 11.29
C TRP B 165 7.41 16.47 9.91
N LEU B 166 8.54 16.56 9.24
CA LEU B 166 8.82 15.91 7.98
C LEU B 166 9.48 14.54 8.19
N ASP B 167 9.84 13.86 7.09
CA ASP B 167 10.53 12.58 7.12
C ASP B 167 11.51 12.64 5.93
N VAL B 168 12.79 12.79 6.18
CA VAL B 168 13.80 13.01 5.14
C VAL B 168 14.79 11.90 4.89
N PRO B 169 15.14 11.67 3.64
CA PRO B 169 16.12 10.64 3.22
C PRO B 169 17.45 11.21 3.64
N ASP B 170 18.53 10.44 3.63
CA ASP B 170 19.84 10.95 4.06
C ASP B 170 20.19 12.34 3.55
N LEU B 171 19.94 12.72 2.30
CA LEU B 171 20.16 14.11 1.85
C LEU B 171 18.79 14.75 1.54
N GLY B 172 18.66 16.03 1.88
CA GLY B 172 17.52 16.88 1.78
C GLY B 172 17.14 17.61 0.53
N GLY B 173 17.99 17.66 -0.49
CA GLY B 173 17.67 18.29 -1.76
C GLY B 173 16.85 17.41 -2.69
N GLY B 174 16.54 16.17 -2.29
CA GLY B 174 15.71 15.32 -3.15
C GLY B 174 14.31 15.93 -3.20
N SER B 175 13.42 15.35 -4.00
CA SER B 175 12.06 15.73 -4.19
C SER B 175 11.13 14.83 -3.38
N VAL B 176 10.23 15.51 -2.62
CA VAL B 176 9.26 14.82 -1.78
C VAL B 176 8.43 13.83 -2.60
N LEU B 177 7.83 14.30 -3.71
CA LEU B 177 7.04 13.38 -4.53
C LEU B 177 7.92 12.41 -5.31
N GLY B 178 9.01 12.90 -5.87
CA GLY B 178 9.95 12.06 -6.61
C GLY B 178 10.38 10.87 -5.75
N ASN B 179 10.92 11.15 -4.58
CA ASN B 179 11.37 10.13 -3.65
C ASN B 179 10.24 9.16 -3.41
N ALA B 180 9.04 9.63 -3.13
CA ALA B 180 7.90 8.77 -2.78
C ALA B 180 7.43 7.89 -3.94
N VAL B 181 7.45 8.38 -5.17
CA VAL B 181 6.98 7.54 -6.27
C VAL B 181 8.00 6.46 -6.54
N GLU B 182 9.29 6.64 -6.35
CA GLU B 182 10.32 5.64 -6.42
C GLU B 182 10.53 4.71 -5.24
N ARG B 183 9.63 4.93 -4.28
CA ARG B 183 9.51 4.29 -2.98
C ARG B 183 10.68 4.37 -1.99
N GLY B 184 11.35 5.52 -1.81
CA GLY B 184 12.45 5.66 -0.89
C GLY B 184 12.07 5.56 0.55
N VAL B 185 13.10 5.58 1.41
CA VAL B 185 12.94 5.45 2.84
C VAL B 185 13.60 6.53 3.72
N GLY B 186 12.86 6.94 4.73
CA GLY B 186 13.33 7.91 5.71
C GLY B 186 13.53 7.30 7.09
N TYR B 187 14.03 8.08 8.04
CA TYR B 187 14.41 7.61 9.35
C TYR B 187 13.54 8.08 10.50
N THR B 188 12.24 8.13 10.42
CA THR B 188 11.32 8.51 11.49
C THR B 188 10.26 7.41 11.51
N PRO B 189 9.26 7.50 12.34
CA PRO B 189 8.17 6.52 12.31
C PRO B 189 7.46 6.60 10.98
N TYR B 190 7.46 7.65 10.19
CA TYR B 190 6.86 7.76 8.88
C TYR B 190 7.88 7.54 7.75
N GLY B 191 8.87 6.68 7.98
CA GLY B 191 9.93 6.45 7.03
C GLY B 191 9.61 5.77 5.72
N ASP B 192 8.50 5.05 5.61
CA ASP B 192 8.14 4.37 4.37
C ASP B 192 7.33 5.36 3.51
N HIS B 193 8.06 6.25 2.84
CA HIS B 193 7.46 7.30 2.04
C HIS B 193 6.25 6.93 1.19
N TRP B 194 6.38 5.88 0.39
CA TRP B 194 5.36 5.45 -0.52
C TRP B 194 4.10 5.15 0.27
N MET B 195 4.26 4.47 1.41
CA MET B 195 3.15 4.10 2.27
C MET B 195 2.48 5.30 2.94
N MET B 196 3.02 6.50 2.82
CA MET B 196 2.44 7.67 3.42
C MET B 196 1.73 8.58 2.42
N HIS B 197 1.49 8.11 1.20
CA HIS B 197 0.92 8.94 0.18
C HIS B 197 -0.59 8.72 0.16
N SER B 198 -1.30 9.71 -0.36
CA SER B 198 -2.74 9.52 -0.47
C SER B 198 -3.32 10.55 -1.43
N GLY B 199 -3.78 10.12 -2.59
CA GLY B 199 -4.38 11.05 -3.53
C GLY B 199 -3.33 11.63 -4.45
N MET B 200 -3.00 11.02 -5.59
CA MET B 200 -2.06 11.57 -6.53
C MET B 200 -2.78 11.96 -7.84
N GLU B 201 -2.25 13.00 -8.45
CA GLU B 201 -2.61 13.52 -9.73
C GLU B 201 -1.60 13.06 -10.76
N VAL B 202 -2.06 12.49 -11.86
CA VAL B 202 -1.19 11.97 -12.93
C VAL B 202 -1.62 12.41 -14.33
N VAL B 203 -0.68 12.70 -15.19
CA VAL B 203 -1.00 12.94 -16.60
C VAL B 203 -0.72 11.60 -17.31
N LEU B 204 -1.68 10.92 -17.88
CA LEU B 204 -1.39 9.65 -18.56
C LEU B 204 -0.70 9.76 -19.91
N ALA B 205 -0.34 8.63 -20.52
CA ALA B 205 0.26 8.62 -21.86
C ALA B 205 -0.68 9.10 -22.96
N ASN B 206 -1.98 9.08 -22.69
CA ASN B 206 -2.95 9.61 -23.66
C ASN B 206 -3.09 11.11 -23.40
N GLY B 207 -2.57 11.65 -22.32
CA GLY B 207 -2.64 13.10 -22.11
C GLY B 207 -3.75 13.48 -21.12
N GLU B 208 -4.56 12.48 -20.77
CA GLU B 208 -5.63 12.79 -19.83
C GLU B 208 -5.11 12.83 -18.41
N LEU B 209 -5.77 13.66 -17.65
CA LEU B 209 -5.54 13.88 -16.24
C LEU B 209 -6.33 12.85 -15.46
N LEU B 210 -5.70 12.30 -14.43
CA LEU B 210 -6.38 11.33 -13.57
C LEU B 210 -5.91 11.60 -12.13
N ARG B 211 -6.74 11.35 -11.13
CA ARG B 211 -6.44 11.56 -9.75
C ARG B 211 -6.81 10.22 -9.06
N THR B 212 -5.99 9.69 -8.15
CA THR B 212 -6.32 8.39 -7.58
C THR B 212 -7.14 8.46 -6.30
N GLY B 213 -7.46 7.28 -5.78
CA GLY B 213 -8.18 7.07 -4.55
C GLY B 213 -9.36 8.00 -4.44
N MET B 214 -9.56 8.67 -3.32
CA MET B 214 -10.66 9.60 -3.11
C MET B 214 -10.44 10.89 -3.88
N GLY B 215 -9.30 10.99 -4.57
CA GLY B 215 -9.03 12.07 -5.49
C GLY B 215 -10.00 11.93 -6.68
N ALA B 216 -10.67 10.81 -6.92
CA ALA B 216 -11.58 10.68 -8.04
C ALA B 216 -12.99 11.15 -7.73
N LEU B 217 -13.33 11.26 -6.48
CA LEU B 217 -14.52 11.76 -5.85
C LEU B 217 -14.31 13.27 -5.89
N PRO B 218 -15.04 13.95 -6.73
CA PRO B 218 -14.83 15.38 -6.92
C PRO B 218 -15.27 16.29 -5.79
N ASP B 219 -14.63 17.43 -5.60
CA ASP B 219 -15.17 18.37 -4.60
C ASP B 219 -16.51 18.81 -5.20
N PRO B 220 -17.56 18.86 -4.43
CA PRO B 220 -18.87 19.36 -4.84
C PRO B 220 -18.81 20.80 -5.35
N LYS B 221 -19.71 21.15 -6.27
CA LYS B 221 -19.73 22.47 -6.88
C LYS B 221 -19.98 23.58 -5.83
N ARG B 222 -19.29 24.69 -6.04
CA ARG B 222 -19.48 25.87 -5.23
C ARG B 222 -19.12 27.08 -6.09
N PRO B 223 -19.81 28.19 -5.89
CA PRO B 223 -19.56 29.42 -6.62
C PRO B 223 -18.10 29.76 -6.84
N GLU B 224 -17.27 29.78 -5.82
CA GLU B 224 -15.86 30.10 -5.81
C GLU B 224 -14.94 29.20 -6.63
N THR B 225 -15.31 27.95 -6.92
CA THR B 225 -14.35 27.10 -7.63
C THR B 225 -14.85 26.71 -9.02
N MET B 226 -15.87 27.42 -9.50
CA MET B 226 -16.44 27.21 -10.79
C MET B 226 -15.48 27.66 -11.90
N GLY B 227 -15.52 26.98 -13.03
CA GLY B 227 -14.72 27.21 -14.19
C GLY B 227 -13.23 26.94 -14.12
N LEU B 228 -12.75 26.36 -13.02
CA LEU B 228 -11.31 26.14 -12.90
C LEU B 228 -10.93 24.97 -13.81
N LYS B 229 -9.72 25.01 -14.36
CA LYS B 229 -9.30 23.87 -15.18
C LYS B 229 -9.20 22.69 -14.21
N PRO B 230 -9.31 21.47 -14.71
CA PRO B 230 -9.22 20.29 -13.87
C PRO B 230 -8.04 20.28 -12.91
N GLU B 231 -6.87 20.52 -13.44
CA GLU B 231 -5.58 20.61 -12.75
C GLU B 231 -5.64 21.49 -11.51
N ASP B 232 -6.31 22.66 -11.64
CA ASP B 232 -6.41 23.70 -10.66
C ASP B 232 -7.62 23.59 -9.73
N GLN B 233 -8.40 22.54 -9.87
CA GLN B 233 -9.52 22.33 -8.99
C GLN B 233 -9.08 21.79 -7.65
N PRO B 234 -9.81 22.10 -6.60
CA PRO B 234 -9.51 21.55 -5.29
C PRO B 234 -9.84 20.06 -5.31
N TRP B 235 -9.54 19.37 -4.21
CA TRP B 235 -9.77 17.94 -4.06
C TRP B 235 -10.90 17.73 -3.06
N SER B 236 -11.65 16.63 -3.03
CA SER B 236 -12.68 16.42 -2.02
C SER B 236 -12.04 16.18 -0.67
N LYS B 237 -12.73 16.39 0.43
CA LYS B 237 -12.21 16.28 1.78
C LYS B 237 -11.42 15.03 2.13
N ILE B 238 -11.84 13.82 1.75
CA ILE B 238 -11.08 12.64 2.06
C ILE B 238 -9.99 12.37 1.03
N ALA B 239 -9.69 13.18 0.03
CA ALA B 239 -8.68 12.90 -0.97
C ALA B 239 -7.33 12.46 -0.42
N HIS B 240 -6.88 13.15 0.62
CA HIS B 240 -5.59 12.96 1.25
C HIS B 240 -5.71 12.38 2.63
N LEU B 241 -6.83 11.72 2.98
CA LEU B 241 -6.93 11.10 4.29
C LEU B 241 -7.14 9.61 4.17
N PHE B 242 -7.68 9.15 3.05
CA PHE B 242 -7.95 7.74 2.78
C PHE B 242 -7.50 7.47 1.33
N PRO B 243 -6.46 6.64 1.20
CA PRO B 243 -5.83 6.37 -0.07
C PRO B 243 -6.61 5.44 -0.99
N TYR B 244 -7.43 4.55 -0.46
CA TYR B 244 -8.05 3.57 -1.32
C TYR B 244 -9.24 4.00 -2.16
N GLY B 245 -10.02 5.04 -1.99
CA GLY B 245 -11.17 5.24 -2.88
C GLY B 245 -12.04 3.99 -2.97
N PHE B 246 -12.52 3.66 -4.17
CA PHE B 246 -13.34 2.47 -4.36
C PHE B 246 -12.86 1.71 -5.60
N GLY B 247 -13.05 0.40 -5.70
CA GLY B 247 -12.59 -0.37 -6.84
C GLY B 247 -11.07 -0.60 -6.83
N PRO B 248 -10.52 -1.06 -7.96
CA PRO B 248 -9.11 -1.24 -8.14
C PRO B 248 -8.26 -0.11 -7.58
N TYR B 249 -7.27 -0.51 -6.77
CA TYR B 249 -6.37 0.53 -6.18
C TYR B 249 -5.12 0.60 -7.04
N ILE B 250 -5.08 1.52 -7.97
CA ILE B 250 -4.15 1.61 -9.06
C ILE B 250 -2.92 2.46 -8.82
N ASP B 251 -2.92 3.02 -7.61
CA ASP B 251 -1.80 3.89 -7.26
C ASP B 251 -0.41 3.35 -7.55
N GLY B 252 -0.11 2.13 -7.16
CA GLY B 252 1.15 1.44 -7.32
C GLY B 252 1.62 1.28 -8.74
N LEU B 253 0.72 1.35 -9.77
CA LEU B 253 1.17 1.29 -11.14
C LEU B 253 1.98 2.55 -11.40
N PHE B 254 1.86 3.58 -10.55
CA PHE B 254 2.66 4.76 -10.76
C PHE B 254 3.92 4.82 -9.93
N SER B 255 4.30 3.81 -9.15
CA SER B 255 5.59 3.91 -8.48
C SER B 255 6.61 3.15 -9.37
N GLN B 256 7.79 3.64 -9.58
CA GLN B 256 8.81 2.87 -10.31
C GLN B 256 8.31 2.34 -11.65
N SER B 257 7.54 3.13 -12.44
CA SER B 257 6.96 2.68 -13.67
C SER B 257 6.99 3.74 -14.78
N ASN B 258 6.58 3.29 -15.98
CA ASN B 258 6.50 4.30 -17.01
C ASN B 258 5.04 4.57 -17.42
N MET B 259 4.13 4.21 -16.52
CA MET B 259 2.71 4.32 -16.79
C MET B 259 2.10 5.70 -16.77
N GLY B 260 2.71 6.75 -16.28
CA GLY B 260 2.17 8.08 -16.17
C GLY B 260 3.20 9.11 -15.72
N ILE B 261 2.82 10.38 -15.82
CA ILE B 261 3.68 11.49 -15.37
C ILE B 261 3.04 12.10 -14.11
N VAL B 262 3.63 11.90 -12.96
CA VAL B 262 3.10 12.37 -11.70
C VAL B 262 3.24 13.88 -11.56
N THR B 263 2.10 14.55 -11.38
CA THR B 263 2.10 15.99 -11.28
C THR B 263 1.88 16.51 -9.88
N LYS B 264 1.26 15.80 -8.96
CA LYS B 264 0.92 16.26 -7.62
C LYS B 264 0.76 15.05 -6.71
N ILE B 265 0.96 15.22 -5.42
CA ILE B 265 0.84 14.06 -4.53
C ILE B 265 0.67 14.53 -3.08
N GLY B 266 -0.21 13.85 -2.37
CA GLY B 266 -0.39 14.22 -0.96
C GLY B 266 0.42 13.23 -0.15
N ILE B 267 1.21 13.74 0.81
CA ILE B 267 2.00 12.92 1.71
C ILE B 267 1.58 13.21 3.13
N TRP B 268 1.29 12.21 3.94
CA TRP B 268 0.94 12.31 5.34
C TRP B 268 2.06 12.83 6.23
N LEU B 269 1.79 13.78 7.14
CA LEU B 269 2.86 14.28 8.02
C LEU B 269 2.63 13.84 9.46
N MET B 270 3.72 13.45 10.11
CA MET B 270 3.64 13.04 11.52
C MET B 270 3.65 14.26 12.45
N PRO B 271 2.61 14.41 13.24
CA PRO B 271 2.58 15.49 14.22
C PRO B 271 3.66 15.36 15.30
N ASN B 272 4.14 16.48 15.78
CA ASN B 272 5.12 16.57 16.86
C ASN B 272 4.75 15.62 17.98
N PRO B 273 5.65 14.72 18.34
CA PRO B 273 5.39 13.68 19.32
C PRO B 273 5.54 14.11 20.78
N GLY B 274 6.00 15.34 21.02
CA GLY B 274 6.17 15.84 22.38
C GLY B 274 7.13 14.93 23.15
N GLY B 275 8.35 14.81 22.60
CA GLY B 275 9.39 13.99 23.18
C GLY B 275 10.30 13.47 22.08
N TYR B 276 11.60 13.73 22.16
CA TYR B 276 12.54 13.23 21.18
C TYR B 276 13.93 12.98 21.75
N GLN B 277 14.50 11.83 21.44
CA GLN B 277 15.86 11.52 21.87
C GLN B 277 16.48 10.59 20.83
N SER B 278 17.54 11.09 20.22
CA SER B 278 18.26 10.30 19.21
C SER B 278 19.38 9.54 19.88
N TYR B 279 19.95 8.51 19.28
CA TYR B 279 21.02 7.76 19.93
C TYR B 279 21.89 6.93 18.98
N LEU B 280 23.02 6.49 19.54
CA LEU B 280 24.04 5.73 18.84
C LEU B 280 24.53 4.59 19.74
N ILE B 281 24.64 3.42 19.13
CA ILE B 281 25.04 2.19 19.76
C ILE B 281 26.16 1.64 18.89
N THR B 282 27.33 1.57 19.53
CA THR B 282 28.51 1.07 18.84
C THR B 282 28.78 -0.39 19.18
N LEU B 283 29.06 -1.11 18.10
CA LEU B 283 29.30 -2.56 18.08
C LEU B 283 30.77 -2.72 17.73
N PRO B 284 31.55 -3.29 18.63
CA PRO B 284 32.99 -3.34 18.47
C PRO B 284 33.48 -4.17 17.30
N LYS B 285 33.00 -5.39 17.15
CA LYS B 285 33.54 -6.22 16.09
C LYS B 285 32.73 -6.34 14.82
N ASP B 286 33.47 -6.43 13.71
CA ASP B 286 32.90 -6.70 12.40
C ASP B 286 31.85 -7.80 12.48
N GLY B 287 32.02 -8.88 13.24
CA GLY B 287 31.07 -9.94 13.41
C GLY B 287 29.91 -9.71 14.36
N ASP B 288 29.88 -8.58 15.09
CA ASP B 288 28.76 -8.27 15.98
C ASP B 288 27.47 -7.94 15.22
N LEU B 289 27.54 -7.65 13.92
CA LEU B 289 26.39 -7.45 13.05
C LEU B 289 25.39 -8.60 13.22
N LYS B 290 25.89 -9.84 13.36
CA LYS B 290 25.02 -10.99 13.49
C LYS B 290 24.18 -10.95 14.75
N GLN B 291 24.79 -10.73 15.92
CA GLN B 291 23.94 -10.75 17.12
C GLN B 291 23.08 -9.49 17.20
N ALA B 292 23.59 -8.36 16.70
CA ALA B 292 22.88 -7.11 16.69
C ALA B 292 21.60 -7.28 15.90
N VAL B 293 21.68 -7.83 14.67
CA VAL B 293 20.49 -8.00 13.87
C VAL B 293 19.51 -8.96 14.52
N ASP B 294 19.97 -9.96 15.26
CA ASP B 294 19.07 -10.88 15.94
C ASP B 294 18.37 -10.18 17.11
N ILE B 295 19.05 -9.14 17.61
CA ILE B 295 18.55 -8.36 18.74
C ILE B 295 17.48 -7.40 18.20
N ILE B 296 17.82 -6.72 17.11
CA ILE B 296 16.86 -5.80 16.49
C ILE B 296 15.55 -6.42 16.02
N ARG B 297 15.51 -7.66 15.59
CA ARG B 297 14.32 -8.31 15.07
C ARG B 297 13.09 -8.28 15.94
N PRO B 298 13.05 -8.86 17.13
CA PRO B 298 11.90 -8.85 18.03
C PRO B 298 11.48 -7.45 18.49
N LEU B 299 12.46 -6.57 18.70
CA LEU B 299 12.28 -5.20 19.09
C LEU B 299 11.61 -4.40 17.95
N ARG B 300 11.89 -4.73 16.68
CA ARG B 300 11.26 -3.93 15.64
C ARG B 300 9.83 -4.43 15.52
N LEU B 301 9.67 -5.76 15.51
CA LEU B 301 8.39 -6.42 15.40
C LEU B 301 7.50 -6.17 16.59
N GLY B 302 8.04 -5.79 17.73
CA GLY B 302 7.25 -5.58 18.94
C GLY B 302 7.03 -4.10 19.21
N MET B 303 7.55 -3.27 18.31
CA MET B 303 7.34 -1.83 18.36
C MET B 303 8.14 -1.08 19.38
N ALA B 304 9.21 -1.59 19.98
CA ALA B 304 10.07 -0.82 20.88
C ALA B 304 10.95 0.15 20.08
N LEU B 305 11.24 -0.27 18.85
CA LEU B 305 11.99 0.55 17.91
C LEU B 305 11.00 1.31 17.01
N GLN B 306 10.85 2.59 17.26
CA GLN B 306 9.86 3.43 16.64
C GLN B 306 10.09 3.92 15.21
N ASN B 307 11.31 4.26 14.84
CA ASN B 307 11.61 4.79 13.53
C ASN B 307 12.29 3.71 12.69
N VAL B 308 12.82 4.17 11.55
CA VAL B 308 13.59 3.21 10.77
C VAL B 308 14.99 3.38 11.36
N PRO B 309 15.50 2.40 12.09
CA PRO B 309 16.84 2.47 12.66
C PRO B 309 17.91 2.04 11.68
N THR B 310 19.08 2.67 11.61
CA THR B 310 20.12 2.23 10.70
C THR B 310 21.37 1.66 11.35
N ILE B 311 22.03 0.80 10.57
CA ILE B 311 23.21 0.08 10.98
C ILE B 311 24.32 0.43 10.01
N ARG B 312 25.16 1.41 10.35
CA ARG B 312 26.19 1.79 9.40
C ARG B 312 27.53 1.08 9.61
N HIS B 313 28.18 0.84 8.48
CA HIS B 313 29.52 0.28 8.45
C HIS B 313 30.47 1.45 8.76
N ILE B 314 31.59 1.16 9.41
CA ILE B 314 32.55 2.18 9.80
C ILE B 314 32.94 3.14 8.70
N LEU B 315 33.23 2.68 7.47
CA LEU B 315 33.67 3.63 6.45
C LEU B 315 32.55 4.60 6.08
N LEU B 316 31.27 4.21 6.24
CA LEU B 316 30.25 5.20 5.92
C LEU B 316 30.44 6.40 6.84
N ASP B 317 30.38 6.24 8.17
CA ASP B 317 30.72 7.38 9.04
C ASP B 317 32.11 7.92 8.74
N ALA B 318 33.13 7.08 8.54
CA ALA B 318 34.47 7.53 8.20
C ALA B 318 34.56 8.52 7.05
N ALA B 319 33.89 8.20 5.95
CA ALA B 319 33.86 9.00 4.73
C ALA B 319 33.07 10.28 4.93
N VAL B 320 32.09 10.31 5.85
CA VAL B 320 31.40 11.58 6.04
C VAL B 320 32.48 12.58 6.48
N LEU B 321 33.22 12.18 7.51
CA LEU B 321 34.26 12.95 8.12
C LEU B 321 35.53 13.17 7.32
N GLY B 322 35.91 12.27 6.42
CA GLY B 322 37.12 12.52 5.64
C GLY B 322 37.28 11.60 4.45
N ASP B 323 38.00 12.10 3.44
CA ASP B 323 38.27 11.31 2.24
C ASP B 323 39.24 10.19 2.62
N LYS B 324 39.47 9.27 1.70
CA LYS B 324 40.31 8.12 1.91
C LYS B 324 41.76 8.46 2.13
N ARG B 325 42.29 9.43 1.37
CA ARG B 325 43.67 9.84 1.55
C ARG B 325 43.89 10.31 2.98
N SER B 326 42.93 10.96 3.64
CA SER B 326 42.98 11.37 5.02
C SER B 326 43.03 10.24 6.03
N TYR B 327 42.83 8.98 5.66
CA TYR B 327 42.90 7.85 6.57
C TYR B 327 43.99 6.89 6.14
N SER B 328 44.53 7.08 4.93
CA SER B 328 45.57 6.17 4.45
C SER B 328 46.07 6.55 3.07
N SER B 329 47.22 6.01 2.71
CA SER B 329 47.85 6.29 1.42
C SER B 329 47.60 5.17 0.43
N ARG B 330 47.30 4.00 0.98
CA ARG B 330 46.98 2.83 0.20
C ARG B 330 45.99 3.20 -0.93
N THR B 331 46.19 2.57 -2.08
CA THR B 331 45.33 2.80 -3.24
C THR B 331 44.47 1.56 -3.37
N GLU B 332 44.92 0.50 -2.70
CA GLU B 332 44.17 -0.75 -2.61
C GLU B 332 43.28 -0.66 -1.37
N PRO B 333 42.37 -1.63 -1.22
CA PRO B 333 41.42 -1.60 -0.12
C PRO B 333 42.02 -1.64 1.27
N LEU B 334 41.54 -0.79 2.17
CA LEU B 334 41.95 -0.77 3.56
C LEU B 334 41.74 -2.18 4.11
N SER B 335 42.48 -2.67 5.08
CA SER B 335 42.36 -4.00 5.62
C SER B 335 41.48 -4.04 6.86
N ASP B 336 41.32 -5.26 7.37
CA ASP B 336 40.57 -5.52 8.59
C ASP B 336 41.21 -4.78 9.76
N GLU B 337 42.55 -4.79 9.76
CA GLU B 337 43.32 -4.10 10.80
C GLU B 337 43.06 -2.59 10.78
N GLU B 338 43.38 -1.95 9.65
CA GLU B 338 43.14 -0.52 9.48
C GLU B 338 41.72 -0.15 9.87
N LEU B 339 40.71 -0.88 9.42
CA LEU B 339 39.32 -0.61 9.81
C LEU B 339 39.19 -0.52 11.33
N ASP B 340 39.62 -1.51 12.11
CA ASP B 340 39.64 -1.38 13.57
C ASP B 340 40.30 -0.06 13.98
N LYS B 341 41.49 0.30 13.48
CA LYS B 341 42.13 1.53 13.86
C LYS B 341 41.30 2.77 13.56
N ILE B 342 40.56 2.75 12.46
CA ILE B 342 39.72 3.91 12.11
C ILE B 342 38.58 3.99 13.13
N ALA B 343 38.06 2.83 13.53
CA ALA B 343 36.98 2.74 14.50
C ALA B 343 37.38 3.42 15.80
N LYS B 344 38.57 3.08 16.27
CA LYS B 344 39.12 3.60 17.52
C LYS B 344 39.31 5.11 17.39
N GLN B 345 39.92 5.53 16.30
CA GLN B 345 40.20 6.92 15.99
C GLN B 345 39.01 7.87 16.13
N LEU B 346 37.85 7.38 15.69
CA LEU B 346 36.61 8.10 15.78
C LEU B 346 35.78 7.76 17.01
N ASN B 347 36.12 6.76 17.82
CA ASN B 347 35.31 6.39 18.98
C ASN B 347 34.05 5.60 18.64
N LEU B 348 34.04 5.10 17.40
CA LEU B 348 32.95 4.34 16.86
C LEU B 348 33.23 2.85 16.92
N GLY B 349 32.25 2.04 16.58
CA GLY B 349 32.48 0.60 16.46
C GLY B 349 32.79 0.27 14.99
N ARG B 350 32.77 -1.01 14.71
CA ARG B 350 33.01 -1.60 13.39
C ARG B 350 31.72 -1.48 12.59
N TRP B 351 30.59 -1.67 13.25
CA TRP B 351 29.25 -1.45 12.73
C TRP B 351 28.63 -0.41 13.65
N ASN B 352 27.63 0.37 13.30
CA ASN B 352 27.09 1.38 14.19
C ASN B 352 25.57 1.54 14.07
N PHE B 353 24.82 1.42 15.14
CA PHE B 353 23.38 1.52 15.15
C PHE B 353 22.84 2.89 15.53
N TYR B 354 22.11 3.55 14.63
CA TYR B 354 21.50 4.85 14.92
C TYR B 354 19.98 4.70 15.00
N GLY B 355 19.33 5.32 15.98
CA GLY B 355 17.86 5.17 16.08
C GLY B 355 17.30 6.34 16.88
N ALA B 356 16.07 6.25 17.39
CA ALA B 356 15.50 7.39 18.09
C ALA B 356 14.21 6.99 18.81
N LEU B 357 14.00 7.67 19.92
CA LEU B 357 12.86 7.51 20.80
C LEU B 357 11.90 8.67 20.59
N TYR B 358 10.61 8.39 20.47
CA TYR B 358 9.62 9.45 20.23
C TYR B 358 8.49 9.48 21.27
N GLY B 359 8.05 10.62 21.80
CA GLY B 359 6.94 10.59 22.74
C GLY B 359 7.25 11.08 24.13
N PRO B 360 6.25 11.06 25.01
CA PRO B 360 6.40 11.50 26.38
C PRO B 360 7.55 10.75 27.05
N GLU B 361 8.21 11.46 27.98
CA GLU B 361 9.32 10.92 28.73
C GLU B 361 9.00 9.56 29.32
N PRO B 362 7.91 9.43 30.08
CA PRO B 362 7.54 8.15 30.66
C PRO B 362 7.58 7.04 29.62
N ILE B 363 7.14 7.23 28.39
CA ILE B 363 7.21 6.16 27.40
C ILE B 363 8.62 5.93 26.87
N ARG B 364 9.34 6.96 26.45
CA ARG B 364 10.70 6.90 26.00
C ARG B 364 11.57 6.01 26.89
N ARG B 365 11.61 6.37 28.16
CA ARG B 365 12.32 5.71 29.20
C ARG B 365 12.19 4.18 29.20
N VAL B 366 10.97 3.67 29.11
CA VAL B 366 10.76 2.24 29.12
C VAL B 366 11.36 1.61 27.86
N LEU B 367 11.13 2.28 26.72
CA LEU B 367 11.66 1.76 25.47
C LEU B 367 13.19 1.71 25.56
N TRP B 368 13.74 2.87 25.91
CA TRP B 368 15.18 2.98 26.09
C TRP B 368 15.74 2.06 27.17
N GLU B 369 15.04 1.73 28.27
CA GLU B 369 15.63 0.70 29.14
C GLU B 369 15.59 -0.67 28.49
N THR B 370 14.59 -0.99 27.68
CA THR B 370 14.53 -2.26 26.96
C THR B 370 15.60 -2.37 25.89
N ILE B 371 15.81 -1.28 25.17
CA ILE B 371 16.81 -1.25 24.09
C ILE B 371 18.18 -1.55 24.64
N LYS B 372 18.78 -0.68 25.44
CA LYS B 372 20.05 -0.82 26.15
C LYS B 372 20.22 -2.21 26.75
N ASP B 373 19.19 -2.66 27.46
CA ASP B 373 19.13 -3.97 28.05
C ASP B 373 19.44 -5.10 27.08
N ALA B 374 18.87 -4.99 25.87
CA ALA B 374 18.99 -6.01 24.86
C ALA B 374 20.36 -5.97 24.22
N PHE B 375 20.92 -4.81 23.93
CA PHE B 375 22.20 -4.67 23.30
C PHE B 375 23.37 -4.78 24.27
N SER B 376 23.07 -4.96 25.54
CA SER B 376 24.06 -5.13 26.59
C SER B 376 24.70 -6.49 26.51
N ALA B 377 24.09 -7.46 25.85
CA ALA B 377 24.65 -8.80 25.74
C ALA B 377 25.80 -8.88 24.72
N ILE B 378 26.07 -7.78 24.02
CA ILE B 378 27.16 -7.75 23.07
C ILE B 378 28.31 -7.11 23.85
N PRO B 379 29.37 -7.85 24.11
CA PRO B 379 30.53 -7.30 24.80
C PRO B 379 31.05 -5.99 24.22
N GLY B 380 31.55 -5.10 25.08
CA GLY B 380 32.11 -3.82 24.71
C GLY B 380 31.16 -2.89 23.98
N VAL B 381 29.85 -3.08 24.10
CA VAL B 381 28.90 -2.18 23.42
C VAL B 381 28.96 -0.81 24.05
N LYS B 382 28.66 0.30 23.39
CA LYS B 382 28.72 1.62 24.03
C LYS B 382 27.57 2.49 23.53
N PHE B 383 26.87 3.12 24.44
CA PHE B 383 25.69 3.92 24.18
C PHE B 383 25.94 5.40 24.19
N TYR B 384 25.53 6.23 23.22
CA TYR B 384 25.82 7.65 23.26
C TYR B 384 24.69 8.59 22.82
N PHE B 385 24.47 9.73 23.48
CA PHE B 385 23.48 10.68 22.92
C PHE B 385 24.29 11.72 22.17
N PRO B 386 23.64 12.57 21.35
CA PRO B 386 24.39 13.53 20.55
C PRO B 386 25.49 14.18 21.35
N GLU B 387 25.06 14.86 22.40
CA GLU B 387 25.84 15.56 23.39
C GLU B 387 27.12 14.91 23.91
N ASP B 388 27.11 13.58 24.07
CA ASP B 388 28.26 12.80 24.45
C ASP B 388 29.25 12.60 23.31
N THR B 389 29.15 13.23 22.16
CA THR B 389 29.99 13.01 21.01
C THR B 389 30.56 14.30 20.41
N PRO B 390 31.62 14.14 19.63
CA PRO B 390 32.29 15.24 18.97
C PRO B 390 31.38 16.13 18.15
N GLU B 391 31.76 17.40 17.96
CA GLU B 391 30.99 18.38 17.21
C GLU B 391 30.66 17.91 15.80
N ASN B 392 31.66 17.29 15.18
CA ASN B 392 31.59 16.82 13.81
C ASN B 392 30.92 15.48 13.62
N SER B 393 30.57 14.81 14.72
CA SER B 393 29.96 13.49 14.63
C SER B 393 28.70 13.40 13.78
N VAL B 394 28.57 12.18 13.25
CA VAL B 394 27.46 11.70 12.46
C VAL B 394 26.18 11.74 13.29
N LEU B 395 26.23 11.28 14.54
CA LEU B 395 25.06 11.34 15.43
C LEU B 395 24.48 12.73 15.53
N ARG B 396 25.32 13.76 15.68
CA ARG B 396 24.81 15.14 15.73
C ARG B 396 24.01 15.45 14.47
N VAL B 397 24.59 15.12 13.33
CA VAL B 397 23.94 15.25 12.04
C VAL B 397 22.69 14.35 11.99
N ARG B 398 22.85 13.07 12.30
CA ARG B 398 21.69 12.17 12.27
C ARG B 398 20.70 12.59 13.34
N ASP B 399 21.03 13.33 14.38
CA ASP B 399 20.05 13.73 15.37
C ASP B 399 18.97 14.60 14.71
N LYS B 400 19.35 15.36 13.69
CA LYS B 400 18.44 16.20 12.95
C LYS B 400 17.67 15.38 11.92
N THR B 401 18.39 14.43 11.31
CA THR B 401 17.79 13.61 10.24
C THR B 401 16.59 12.83 10.80
N MET B 402 16.64 12.29 12.01
CA MET B 402 15.58 11.50 12.58
C MET B 402 14.43 12.27 13.22
N GLN B 403 14.45 13.58 13.07
CA GLN B 403 13.36 14.40 13.57
C GLN B 403 12.82 15.23 12.40
N GLY B 404 13.07 14.81 11.16
CA GLY B 404 12.55 15.42 9.97
C GLY B 404 13.25 16.64 9.44
N ILE B 405 14.32 17.04 10.12
CA ILE B 405 15.08 18.20 9.66
C ILE B 405 16.11 17.77 8.61
N PRO B 406 16.05 18.43 7.45
CA PRO B 406 16.95 18.11 6.35
C PRO B 406 18.30 18.75 6.45
N THR B 407 19.35 18.08 5.95
CA THR B 407 20.72 18.52 5.95
C THR B 407 21.45 18.26 4.63
N TYR B 408 22.71 18.71 4.55
CA TYR B 408 23.55 18.51 3.36
C TYR B 408 24.85 17.81 3.69
N ASP B 409 25.05 17.62 5.00
CA ASP B 409 26.24 17.04 5.60
C ASP B 409 26.77 15.74 5.04
N GLU B 410 26.00 14.65 5.14
CA GLU B 410 26.41 13.31 4.72
C GLU B 410 26.81 13.13 3.26
N LEU B 411 26.75 14.15 2.43
CA LEU B 411 27.17 14.13 1.04
C LEU B 411 28.68 14.10 0.92
N LYS B 412 29.39 14.34 2.01
CA LYS B 412 30.84 14.31 2.08
C LYS B 412 31.42 12.96 1.71
N TRP B 413 30.73 11.85 1.99
CA TRP B 413 31.25 10.54 1.59
C TRP B 413 31.35 10.33 0.09
N ILE B 414 30.56 11.00 -0.75
CA ILE B 414 30.68 10.78 -2.20
C ILE B 414 32.12 10.94 -2.64
N ASP B 415 32.85 11.87 -2.03
CA ASP B 415 34.24 12.15 -2.29
C ASP B 415 35.23 11.19 -1.66
N TRP B 416 34.86 9.94 -1.39
CA TRP B 416 35.81 8.97 -0.85
C TRP B 416 37.07 9.05 -1.72
N LEU B 417 36.96 8.63 -2.98
CA LEU B 417 38.02 8.75 -3.94
C LEU B 417 37.93 10.09 -4.70
N PRO B 418 39.04 10.44 -5.33
CA PRO B 418 39.22 11.71 -6.00
C PRO B 418 38.11 12.27 -6.85
N ASN B 419 37.92 11.64 -8.00
CA ASN B 419 36.85 12.05 -8.92
C ASN B 419 35.79 10.96 -8.77
N GLY B 420 35.39 10.76 -7.53
CA GLY B 420 34.45 9.73 -7.20
C GLY B 420 33.09 9.98 -7.86
N ALA B 421 32.50 8.84 -8.17
CA ALA B 421 31.14 8.70 -8.63
C ALA B 421 30.71 7.47 -7.81
N HIS B 422 29.43 7.29 -7.56
CA HIS B 422 29.08 6.09 -6.79
C HIS B 422 27.85 5.49 -7.47
N LEU B 423 27.52 4.27 -7.09
CA LEU B 423 26.36 3.59 -7.60
C LEU B 423 25.87 2.81 -6.37
N PHE B 424 24.57 2.60 -6.31
CA PHE B 424 24.03 1.80 -5.26
C PHE B 424 23.66 0.38 -5.65
N PHE B 425 24.25 -0.59 -4.96
CA PHE B 425 23.82 -1.97 -5.16
C PHE B 425 22.86 -2.11 -3.97
N SER B 426 21.58 -2.34 -4.26
CA SER B 426 20.64 -2.37 -3.15
C SER B 426 19.75 -3.58 -2.98
N PRO B 427 20.24 -4.68 -2.42
CA PRO B 427 19.46 -5.88 -2.18
C PRO B 427 18.65 -5.78 -0.89
N ILE B 428 17.80 -6.77 -0.63
CA ILE B 428 16.95 -6.78 0.52
C ILE B 428 17.29 -8.04 1.32
N ALA B 429 17.37 -7.91 2.66
CA ALA B 429 17.69 -9.12 3.41
C ALA B 429 16.69 -9.40 4.50
N LYS B 430 16.66 -10.63 5.03
CA LYS B 430 15.72 -10.89 6.13
C LYS B 430 16.23 -10.15 7.36
N VAL B 431 15.42 -9.97 8.41
CA VAL B 431 15.95 -9.33 9.63
C VAL B 431 16.49 -10.48 10.48
N SER B 432 17.60 -11.05 10.03
CA SER B 432 18.20 -12.19 10.72
C SER B 432 19.73 -12.04 10.66
N GLY B 433 20.36 -12.16 11.83
CA GLY B 433 21.83 -12.09 11.91
C GLY B 433 22.49 -13.01 10.87
N GLU B 434 22.08 -14.27 10.82
CA GLU B 434 22.53 -15.20 9.82
C GLU B 434 22.35 -14.68 8.39
N ASP B 435 21.16 -14.20 8.03
CA ASP B 435 20.96 -13.72 6.67
C ASP B 435 21.82 -12.51 6.39
N ALA B 436 21.87 -11.55 7.29
CA ALA B 436 22.63 -10.33 7.06
C ALA B 436 24.11 -10.63 6.94
N MET B 437 24.67 -11.56 7.71
CA MET B 437 26.07 -11.89 7.61
C MET B 437 26.41 -12.58 6.30
N MET B 438 25.46 -13.37 5.81
CA MET B 438 25.58 -14.06 4.53
C MET B 438 25.59 -13.05 3.39
N GLN B 439 24.78 -12.01 3.47
CA GLN B 439 24.68 -11.05 2.36
C GLN B 439 25.85 -10.10 2.30
N TYR B 440 26.35 -9.81 3.48
CA TYR B 440 27.54 -8.99 3.68
C TYR B 440 28.83 -9.65 3.17
N ALA B 441 28.91 -10.96 3.33
CA ALA B 441 30.03 -11.79 2.91
C ALA B 441 30.13 -11.80 1.39
N VAL B 442 28.97 -12.08 0.77
CA VAL B 442 28.89 -12.11 -0.69
C VAL B 442 29.29 -10.76 -1.25
N THR B 443 28.79 -9.65 -0.71
CA THR B 443 29.18 -8.36 -1.23
C THR B 443 30.63 -8.04 -0.94
N LYS B 444 31.06 -8.40 0.28
CA LYS B 444 32.44 -8.09 0.66
C LYS B 444 33.43 -8.82 -0.23
N LYS B 445 33.24 -10.12 -0.52
CA LYS B 445 34.21 -10.77 -1.41
C LYS B 445 34.24 -9.96 -2.70
N ARG B 446 33.17 -9.99 -3.49
CA ARG B 446 33.14 -9.26 -4.74
C ARG B 446 33.71 -7.86 -4.68
N CYS B 447 33.42 -7.02 -3.72
CA CYS B 447 34.01 -5.69 -3.65
C CYS B 447 35.53 -5.84 -3.62
N GLN B 448 36.00 -6.81 -2.82
CA GLN B 448 37.46 -7.05 -2.72
C GLN B 448 37.99 -7.42 -4.09
N GLU B 449 37.39 -8.45 -4.70
CA GLU B 449 37.84 -8.88 -6.02
C GLU B 449 37.96 -7.75 -7.02
N ALA B 450 37.16 -6.70 -6.92
CA ALA B 450 37.24 -5.54 -7.79
C ALA B 450 38.18 -4.47 -7.32
N GLY B 451 38.84 -4.60 -6.18
CA GLY B 451 39.74 -3.58 -5.65
C GLY B 451 39.08 -2.39 -4.96
N LEU B 452 37.85 -2.57 -4.47
CA LEU B 452 37.13 -1.48 -3.86
C LEU B 452 36.85 -1.68 -2.37
N ASP B 453 36.86 -0.55 -1.65
CA ASP B 453 36.47 -0.74 -0.23
C ASP B 453 34.99 -1.12 -0.20
N PHE B 454 34.59 -2.02 0.69
CA PHE B 454 33.18 -2.28 0.89
C PHE B 454 32.62 -1.12 1.73
N ILE B 455 31.58 -0.44 1.32
CA ILE B 455 30.95 0.60 2.12
C ILE B 455 29.43 0.41 2.05
N GLY B 456 28.72 0.36 3.16
CA GLY B 456 27.27 0.18 3.15
C GLY B 456 26.59 0.36 4.51
N THR B 457 25.24 0.29 4.43
CA THR B 457 24.36 0.36 5.56
C THR B 457 23.23 -0.65 5.36
N PHE B 458 22.56 -0.95 6.44
CA PHE B 458 21.34 -1.72 6.47
C PHE B 458 20.32 -0.77 7.13
N THR B 459 19.19 -0.59 6.46
CA THR B 459 18.13 0.24 7.07
C THR B 459 17.03 -0.75 7.44
N VAL B 460 16.70 -0.75 8.74
CA VAL B 460 15.76 -1.73 9.25
C VAL B 460 14.28 -1.47 9.10
N GLY B 461 13.66 -2.18 8.16
CA GLY B 461 12.22 -2.16 7.94
C GLY B 461 11.59 -3.01 9.04
N MET B 462 10.31 -3.29 8.98
CA MET B 462 9.66 -4.02 10.05
C MET B 462 9.99 -5.49 9.90
N ARG B 463 10.04 -6.07 8.68
CA ARG B 463 10.31 -7.50 8.60
C ARG B 463 11.33 -7.74 7.49
N GLU B 464 12.10 -6.74 7.18
CA GLU B 464 13.06 -6.77 6.10
C GLU B 464 14.11 -5.68 6.30
N MET B 465 15.23 -5.86 5.59
CA MET B 465 16.33 -4.91 5.68
C MET B 465 16.73 -4.49 4.28
N HIS B 466 16.86 -3.18 4.10
CA HIS B 466 17.27 -2.59 2.84
C HIS B 466 18.80 -2.43 2.95
N HIS B 467 19.58 -3.17 2.18
CA HIS B 467 21.02 -3.09 2.29
C HIS B 467 21.70 -2.21 1.27
N ILE B 468 21.94 -0.93 1.48
CA ILE B 468 22.63 -0.10 0.48
C ILE B 468 24.14 -0.21 0.35
N VAL B 469 24.70 -1.00 -0.56
CA VAL B 469 26.15 -1.08 -0.79
C VAL B 469 26.57 0.11 -1.67
N CYS B 470 27.43 1.00 -1.15
CA CYS B 470 27.86 2.15 -1.93
C CYS B 470 29.20 1.90 -2.63
N ILE B 471 29.14 1.50 -3.87
CA ILE B 471 30.30 1.28 -4.70
C ILE B 471 30.87 2.61 -5.17
N VAL B 472 32.06 3.00 -4.66
CA VAL B 472 32.58 4.30 -5.13
C VAL B 472 33.82 4.06 -5.95
N PHE B 473 33.95 4.83 -7.04
CA PHE B 473 35.04 4.66 -7.97
C PHE B 473 35.41 5.93 -8.72
N ASN B 474 36.48 5.88 -9.50
CA ASN B 474 36.99 7.01 -10.27
C ASN B 474 36.35 7.22 -11.62
N LYS B 475 35.45 8.18 -11.80
CA LYS B 475 34.74 8.42 -13.04
C LYS B 475 35.52 8.58 -14.32
N LYS B 476 36.84 8.72 -14.25
CA LYS B 476 37.69 8.89 -15.43
C LYS B 476 38.57 7.68 -15.71
N ASP B 477 38.53 6.68 -14.84
CA ASP B 477 39.36 5.50 -14.99
C ASP B 477 38.66 4.40 -15.76
N LEU B 478 39.01 4.18 -17.02
CA LEU B 478 38.44 3.14 -17.86
C LEU B 478 38.48 1.78 -17.18
N ILE B 479 39.62 1.38 -16.63
CA ILE B 479 39.81 0.08 -16.01
C ILE B 479 38.91 -0.12 -14.81
N GLN B 480 38.76 0.91 -13.98
CA GLN B 480 37.96 0.75 -12.75
C GLN B 480 36.47 0.78 -13.04
N LYS B 481 36.08 1.60 -14.01
CA LYS B 481 34.66 1.61 -14.37
C LYS B 481 34.23 0.23 -14.85
N ARG B 482 35.05 -0.47 -15.62
CA ARG B 482 34.77 -1.83 -16.03
C ARG B 482 34.75 -2.82 -14.90
N LYS B 483 35.61 -2.61 -13.91
CA LYS B 483 35.56 -3.45 -12.71
C LYS B 483 34.22 -3.16 -12.05
N VAL B 484 33.79 -1.88 -12.02
CA VAL B 484 32.50 -1.56 -11.36
C VAL B 484 31.36 -2.20 -12.13
N GLN B 485 31.44 -2.17 -13.46
CA GLN B 485 30.42 -2.85 -14.25
C GLN B 485 30.47 -4.34 -13.98
N TRP B 486 31.65 -4.95 -13.90
CA TRP B 486 31.72 -6.36 -13.57
C TRP B 486 31.23 -6.61 -12.17
N LEU B 487 31.55 -5.80 -11.16
CA LEU B 487 31.08 -6.01 -9.79
C LEU B 487 29.55 -6.08 -9.73
N MET B 488 29.00 -4.95 -10.18
CA MET B 488 27.54 -4.77 -10.19
C MET B 488 26.79 -5.93 -10.81
N ARG B 489 27.09 -6.37 -12.05
CA ARG B 489 26.35 -7.52 -12.59
C ARG B 489 26.60 -8.84 -11.89
N THR B 490 27.75 -9.03 -11.25
CA THR B 490 28.08 -10.29 -10.59
C THR B 490 27.36 -10.33 -9.24
N LEU B 491 27.35 -9.15 -8.58
CA LEU B 491 26.57 -9.08 -7.35
C LEU B 491 25.09 -9.37 -7.67
N ILE B 492 24.51 -8.77 -8.71
CA ILE B 492 23.11 -9.08 -9.02
C ILE B 492 22.91 -10.60 -9.13
N ASP B 493 23.71 -11.31 -9.88
CA ASP B 493 23.56 -12.77 -9.98
C ASP B 493 23.84 -13.47 -8.66
N ASP B 494 25.01 -13.27 -8.07
CA ASP B 494 25.26 -13.86 -6.75
C ASP B 494 24.06 -13.64 -5.83
N CYS B 495 23.61 -12.39 -5.66
CA CYS B 495 22.46 -12.15 -4.77
C CYS B 495 21.24 -12.93 -5.17
N ALA B 496 20.91 -13.00 -6.46
CA ALA B 496 19.76 -13.78 -6.95
C ALA B 496 19.92 -15.27 -6.70
N ALA B 497 21.14 -15.81 -6.75
CA ALA B 497 21.39 -17.22 -6.44
C ALA B 497 21.27 -17.55 -4.96
N ASN B 498 21.23 -16.50 -4.12
CA ASN B 498 20.99 -16.62 -2.70
C ASN B 498 19.59 -16.16 -2.31
N GLY B 499 18.70 -16.00 -3.30
CA GLY B 499 17.35 -15.60 -3.04
C GLY B 499 17.12 -14.17 -2.58
N TRP B 500 17.91 -13.18 -2.97
CA TRP B 500 17.73 -11.80 -2.62
C TRP B 500 17.63 -10.99 -3.93
N GLY B 501 16.78 -9.97 -3.88
CA GLY B 501 16.58 -9.13 -5.06
C GLY B 501 16.81 -7.67 -4.67
N GLU B 502 17.09 -6.84 -5.66
CA GLU B 502 17.28 -5.42 -5.42
C GLU B 502 15.95 -4.67 -5.54
N TYR B 503 15.86 -3.59 -4.75
CA TYR B 503 14.64 -2.79 -4.68
C TYR B 503 14.68 -1.59 -5.60
N ARG B 504 15.86 -1.32 -6.18
CA ARG B 504 15.99 -0.13 -7.05
C ARG B 504 17.36 -0.06 -7.68
N THR B 505 17.60 0.35 -8.90
CA THR B 505 18.91 0.46 -9.48
C THR B 505 19.06 1.58 -10.51
N HIS B 506 20.31 1.64 -11.00
CA HIS B 506 20.68 2.60 -12.03
C HIS B 506 20.24 2.13 -13.39
N LEU B 507 20.04 3.05 -14.34
CA LEU B 507 19.62 2.78 -15.69
C LEU B 507 20.26 1.58 -16.40
N ALA B 508 21.55 1.27 -16.19
CA ALA B 508 22.17 0.17 -16.92
C ALA B 508 21.89 -1.21 -16.34
N PHE B 509 21.26 -1.28 -15.15
CA PHE B 509 21.03 -2.58 -14.53
C PHE B 509 19.59 -2.97 -14.43
N MET B 510 18.71 -2.08 -14.91
CA MET B 510 17.26 -2.30 -14.88
C MET B 510 16.86 -3.63 -15.49
N ASP B 511 17.41 -3.84 -16.73
CA ASP B 511 17.05 -5.08 -17.45
C ASP B 511 17.53 -6.25 -16.61
N GLN B 512 18.81 -6.28 -16.27
CA GLN B 512 19.34 -7.38 -15.48
C GLN B 512 18.55 -7.57 -14.21
N ILE B 513 18.31 -6.54 -13.42
CA ILE B 513 17.49 -6.70 -12.24
C ILE B 513 16.08 -7.16 -12.58
N MET B 514 15.37 -6.62 -13.61
CA MET B 514 14.05 -7.17 -13.86
C MET B 514 14.14 -8.63 -14.25
N GLU B 515 15.11 -9.09 -15.04
CA GLU B 515 15.25 -10.49 -15.41
C GLU B 515 15.35 -11.41 -14.21
N THR B 516 15.75 -10.88 -13.05
CA THR B 516 15.86 -11.59 -11.77
C THR B 516 14.50 -11.99 -11.25
N TYR B 517 13.47 -11.16 -11.46
CA TYR B 517 12.12 -11.45 -11.00
C TYR B 517 11.41 -12.27 -12.10
N ASN B 518 11.96 -13.42 -12.49
CA ASN B 518 11.42 -14.22 -13.56
C ASN B 518 10.66 -15.48 -13.15
N TRP B 519 10.19 -15.56 -11.90
CA TRP B 519 9.41 -16.73 -11.55
C TRP B 519 8.45 -17.15 -12.64
N ASN B 520 8.12 -18.43 -12.82
CA ASN B 520 7.15 -18.90 -13.82
C ASN B 520 7.37 -18.21 -15.15
N ASN B 521 8.60 -18.27 -15.69
CA ASN B 521 8.96 -17.74 -16.98
C ASN B 521 8.58 -16.29 -17.27
N SER B 522 8.93 -15.42 -16.33
CA SER B 522 8.77 -13.99 -16.52
C SER B 522 7.34 -13.48 -16.58
N SER B 523 6.43 -14.19 -15.91
CA SER B 523 5.05 -13.78 -15.78
C SER B 523 4.94 -12.34 -15.32
N PHE B 524 5.62 -11.98 -14.25
CA PHE B 524 5.57 -10.60 -13.76
C PHE B 524 5.86 -9.58 -14.85
N LEU B 525 6.91 -9.70 -15.65
CA LEU B 525 7.21 -8.70 -16.68
C LEU B 525 6.28 -8.75 -17.88
N ARG B 526 5.84 -9.96 -18.25
CA ARG B 526 4.92 -10.13 -19.36
C ARG B 526 3.65 -9.31 -19.11
N PHE B 527 3.09 -9.50 -17.93
CA PHE B 527 1.87 -8.82 -17.45
C PHE B 527 2.14 -7.34 -17.40
N ASN B 528 3.30 -6.87 -16.93
CA ASN B 528 3.60 -5.45 -16.94
C ASN B 528 3.61 -5.00 -18.39
N GLU B 529 4.12 -5.81 -19.34
CA GLU B 529 4.14 -5.38 -20.74
C GLU B 529 2.75 -5.10 -21.30
N VAL B 530 1.78 -5.92 -21.00
CA VAL B 530 0.42 -5.76 -21.38
C VAL B 530 -0.16 -4.43 -20.90
N LEU B 531 -0.03 -4.11 -19.61
CA LEU B 531 -0.56 -2.89 -19.09
C LEU B 531 0.10 -1.71 -19.80
N LYS B 532 1.39 -1.80 -20.02
CA LYS B 532 2.04 -0.62 -20.65
C LYS B 532 1.63 -0.52 -22.09
N ASN B 533 1.50 -1.50 -22.95
CA ASN B 533 1.09 -1.21 -24.32
C ASN B 533 -0.36 -0.73 -24.45
N ALA B 534 -1.20 -1.10 -23.48
CA ALA B 534 -2.59 -0.74 -23.46
C ALA B 534 -2.77 0.76 -23.27
N VAL B 535 -2.10 1.30 -22.26
CA VAL B 535 -2.18 2.70 -21.90
C VAL B 535 -1.16 3.56 -22.62
N ASP B 536 -0.12 3.04 -23.29
CA ASP B 536 0.82 3.93 -24.01
C ASP B 536 1.09 3.32 -25.38
N PRO B 537 0.12 3.28 -26.27
CA PRO B 537 0.24 2.71 -27.60
C PRO B 537 1.32 3.32 -28.43
N ASN B 538 1.85 4.51 -28.31
CA ASN B 538 2.97 4.99 -29.09
C ASN B 538 4.28 4.74 -28.34
N GLY B 539 4.13 4.26 -27.08
CA GLY B 539 5.28 4.00 -26.24
C GLY B 539 6.17 5.19 -26.01
N ILE B 540 5.53 6.31 -25.70
CA ILE B 540 6.30 7.56 -25.51
C ILE B 540 6.65 7.98 -24.10
N ILE B 541 6.14 7.29 -23.10
CA ILE B 541 6.48 7.63 -21.72
C ILE B 541 7.62 6.78 -21.20
N ALA B 542 8.81 7.32 -21.19
CA ALA B 542 9.97 6.57 -20.64
C ALA B 542 10.11 5.08 -20.96
N PRO B 543 10.36 4.73 -22.21
CA PRO B 543 10.56 3.33 -22.60
C PRO B 543 11.75 2.81 -21.84
N GLY B 544 11.58 1.61 -21.26
CA GLY B 544 12.65 0.95 -20.54
C GLY B 544 12.70 1.15 -19.04
N LYS B 545 11.99 2.14 -18.50
CA LYS B 545 11.99 2.27 -17.03
C LYS B 545 11.72 0.92 -16.40
N SER B 546 12.56 0.49 -15.45
CA SER B 546 12.45 -0.81 -14.80
C SER B 546 12.47 -2.02 -15.72
N GLY B 547 13.06 -1.91 -16.91
CA GLY B 547 13.11 -3.02 -17.84
C GLY B 547 11.77 -3.26 -18.52
N VAL B 548 10.84 -2.32 -18.52
CA VAL B 548 9.54 -2.50 -19.20
C VAL B 548 9.55 -1.69 -20.49
N TRP B 549 9.41 -2.44 -21.57
CA TRP B 549 9.53 -1.82 -22.90
C TRP B 549 8.27 -1.96 -23.72
N PRO B 550 7.75 -0.89 -24.31
CA PRO B 550 6.66 -0.96 -25.26
C PRO B 550 7.08 -1.74 -26.51
N SER B 551 6.11 -2.25 -27.26
CA SER B 551 6.31 -3.12 -28.39
C SER B 551 7.15 -2.57 -29.50
N GLN B 552 7.25 -1.28 -29.73
CA GLN B 552 8.05 -0.68 -30.77
C GLN B 552 9.52 -0.52 -30.46
N TYR B 553 10.03 -1.09 -29.39
CA TYR B 553 11.38 -1.06 -28.85
C TYR B 553 11.80 -2.53 -28.73
N SER B 554 12.46 -2.99 -29.76
CA SER B 554 12.96 -4.36 -29.87
C SER B 554 13.90 -4.67 -28.71
N HIS B 555 13.65 -5.72 -27.94
CA HIS B 555 14.44 -6.17 -26.82
C HIS B 555 15.87 -6.46 -27.24
N VAL B 556 16.08 -7.03 -28.42
CA VAL B 556 17.36 -7.37 -29.00
C VAL B 556 18.15 -6.08 -29.20
N THR B 557 17.45 -5.00 -29.59
CA THR B 557 18.18 -3.75 -29.78
C THR B 557 18.41 -2.97 -28.51
N TRP B 558 17.46 -2.89 -27.59
CA TRP B 558 17.59 -2.06 -26.42
C TRP B 558 18.04 -2.57 -25.08
N LYS B 559 17.90 -3.84 -24.73
CA LYS B 559 18.25 -4.32 -23.42
C LYS B 559 19.76 -4.34 -23.16
N LEU B 560 20.12 -4.18 -21.91
CA LEU B 560 21.48 -4.25 -21.42
C LEU B 560 21.36 -5.23 -20.24
PB ADP C . -16.15 -13.02 2.66
O1B ADP C . -16.06 -11.55 3.28
O2B ADP C . -14.93 -13.81 2.89
O3B ADP C . -17.33 -13.84 3.00
PA ADP C . -16.05 -13.37 -0.27
O1A ADP C . -17.10 -14.40 -0.44
O2A ADP C . -14.75 -14.07 -0.28
O3A ADP C . -16.32 -12.58 1.11
O5' ADP C . -16.31 -12.30 -1.38
C5' ADP C . -15.95 -10.94 -1.53
C4' ADP C . -15.49 -10.63 -2.96
O4' ADP C . -14.07 -10.86 -2.98
C3' ADP C . -16.02 -11.52 -4.07
O3' ADP C . -17.30 -11.07 -4.57
C2' ADP C . -14.91 -11.21 -5.12
O2' ADP C . -15.15 -9.84 -5.48
C1' ADP C . -13.65 -11.20 -4.22
N9 ADP C . -12.86 -12.40 -4.19
C8 ADP C . -12.79 -13.34 -3.22
N7 ADP C . -11.87 -14.21 -3.33
C5 ADP C . -11.26 -13.88 -4.43
C6 ADP C . -10.18 -14.45 -5.03
N6 ADP C . -9.54 -15.51 -4.60
N1 ADP C . -9.76 -13.93 -6.19
C2 ADP C . -10.40 -12.83 -6.71
N3 ADP C . -11.43 -12.20 -6.16
C4 ADP C . -11.81 -12.77 -5.03
PB ADP D . 15.20 12.62 -6.71
O1B ADP D . 15.29 11.40 -5.64
O2B ADP D . 14.16 13.59 -6.37
O3B ADP D . 16.48 13.36 -7.02
PA ADP D . 14.12 12.04 -9.45
O1A ADP D . 14.92 13.04 -10.24
O2A ADP D . 12.81 12.68 -9.29
O3A ADP D . 14.86 11.74 -8.04
O5' ADP D . 14.24 10.76 -10.34
C5' ADP D . 13.96 9.42 -10.01
C4' ADP D . 12.97 8.86 -11.00
O4' ADP D . 11.66 9.15 -10.52
C3' ADP D . 13.05 9.41 -12.42
O3' ADP D . 14.00 8.67 -13.20
C2' ADP D . 11.61 9.07 -12.90
O2' ADP D . 11.59 7.65 -13.18
C1' ADP D . 10.81 9.20 -11.61
N9 ADP D . 9.87 10.30 -11.57
C8 ADP D . 10.07 11.45 -10.89
N7 ADP D . 9.15 12.30 -10.90
C5 ADP D . 8.22 11.70 -11.61
C6 ADP D . 6.99 12.19 -11.91
N6 ADP D . 6.59 13.38 -11.50
N1 ADP D . 6.23 11.38 -12.66
C2 ADP D . 6.71 10.15 -13.06
N3 ADP D . 7.89 9.58 -12.82
C4 ADP D . 8.60 10.45 -12.06
#